data_7ULA
#
_entry.id   7ULA
#
_cell.length_a   169.950
_cell.length_b   169.950
_cell.length_c   143.020
_cell.angle_alpha   90.000
_cell.angle_beta   90.000
_cell.angle_gamma   90.000
#
_symmetry.space_group_name_H-M   'I 4 2 2'
#
loop_
_entity.id
_entity.type
_entity.pdbx_description
1 polymer 'Alginate biosynthesis protein AlgK'
2 polymer 'Alginate biosynthesis protein AlgX'
3 non-polymer 'NICKEL (II) ION'
4 non-polymer 'CHLORIDE ION'
5 non-polymer GLYCEROL
6 water water
#
loop_
_entity_poly.entity_id
_entity_poly.type
_entity_poly.pdbx_seq_one_letter_code
_entity_poly.pdbx_strand_id
1 'polypeptide(L)'
;MCAGLPDQRLANEALKRGDTALAERNYKALADLGYSEAQVGLADIKVATRDPSQIKEAEATYRAAAATSPRAQARLGRLL
VAKPDSTQAEREEAETLLKQAAKQGQSNTLIPLAMLYLSYPQSFPKVNAQQQIDQWRAAGNPEAGLAQVLLYRTQGTYDQ
HLGEVEKICKAALNTTDICYVELATVYQKRGQADQQAALLGQLKSAYARGAVPATRVDSVARVLADRSLGQTDEKTAKEL
LEQVAPANPASWVSLAQLVYDFPELGDTDQLMAYIDKGREAEQPRAELLLGRLYYEGKTLPADAQKAEQHLQAAAEAGEI
SAHYYLGQLYRRGYLGNVEPQKAVDHLLAAARGGQNSADYALAQLFSEGHGIRPQPGNAWVFAQLSQANPTPQSAELLQQ
LDQQLTPDQRNQAQQLLDQEKRARGSLAQGANSTLALEALQDDEKEVDGEDSLLEHHHHHH
;
B
2 'polypeptide(L)'
;MTPHLMKLLGLSAALLAISQGVRAEDVKAPTFSAEPCCQLCPEAHDASRYTTRYQQNFTTLVQAQGDWLFRTREDLRTEF
NTTPAGYKRLQQVHDAFKKRGVELVVVYQPTRGLVNRNMLNPAEKAAFDYQKALGNYQAMLKRFASMGYNVPDLSPLTNE
QLAAADQGKDFYFRGDQHWTPYGAERAAKIVADTVHKMPAFEGIPRKEFETRKSGRMGKTGTLHNVAGQLCGTSYAVQYM
DQFATEPKGASGGDDLFGDSGNAQITLVGTSHSGKNYNFSGFLEQYIGADVLNVAFPGGGLEGSMIQYLGSEEFQKNPPK
ILIWEFSPLYRLDQETIWRQILGLLDDGCDDRPALMSASTTLKPGKNELMVNGKGGVIKDLINRNLQMDVKFEDPSVKVL
QATLWYLNGRHEDIKLEKPETSDTDGRFVFQMREDEDWASQRLLAFEVQGPESGTQKVEAKLCKRNNFAVPAQTAQAGQL
EHHHHHH
;
A
#
loop_
_chem_comp.id
_chem_comp.type
_chem_comp.name
_chem_comp.formula
CL non-polymer 'CHLORIDE ION' 'Cl -1'
GOL non-polymer GLYCEROL 'C3 H8 O3'
NI non-polymer 'NICKEL (II) ION' 'Ni 2'
#
# COMPACT_ATOMS: atom_id res chain seq x y z
N SER A 107 30.15 -24.29 47.14
CA SER A 107 30.33 -23.30 48.20
C SER A 107 29.51 -22.04 47.93
N ASN A 108 29.46 -21.64 46.65
CA ASN A 108 28.83 -20.39 46.24
C ASN A 108 29.36 -19.22 47.08
N THR A 109 30.68 -19.14 47.18
CA THR A 109 31.34 -18.20 48.08
C THR A 109 32.04 -17.07 47.32
N LEU A 110 33.00 -17.40 46.45
CA LEU A 110 33.78 -16.35 45.81
C LEU A 110 32.96 -15.55 44.80
N ILE A 111 32.03 -16.19 44.11
CA ILE A 111 31.26 -15.53 43.05
C ILE A 111 30.26 -14.52 43.64
N PRO A 112 29.46 -14.88 44.66
CA PRO A 112 28.63 -13.84 45.30
C PRO A 112 29.44 -12.72 45.94
N LEU A 113 30.63 -13.02 46.46
CA LEU A 113 31.47 -11.99 47.03
C LEU A 113 31.97 -11.02 45.95
N ALA A 114 32.36 -11.56 44.79
CA ALA A 114 32.76 -10.70 43.67
C ALA A 114 31.57 -9.88 43.18
N MET A 115 30.39 -10.49 43.12
CA MET A 115 29.17 -9.76 42.77
C MET A 115 28.93 -8.60 43.74
N LEU A 116 29.22 -8.81 45.03
CA LEU A 116 29.08 -7.72 45.99
C LEU A 116 30.14 -6.64 45.76
N TYR A 117 31.39 -7.04 45.58
CA TYR A 117 32.48 -6.06 45.43
C TYR A 117 32.33 -5.24 44.17
N LEU A 118 31.66 -5.77 43.14
CA LEU A 118 31.43 -5.00 41.93
C LEU A 118 30.12 -4.24 41.92
N SER A 119 29.04 -4.86 42.41
CA SER A 119 27.70 -4.28 42.27
C SER A 119 27.57 -2.94 42.97
N TYR A 120 28.31 -2.73 44.05
CA TYR A 120 28.36 -1.43 44.71
C TYR A 120 29.80 -1.19 45.13
N PRO A 121 30.58 -0.49 44.31
CA PRO A 121 32.00 -0.24 44.63
C PRO A 121 32.17 0.84 45.70
N GLN A 122 31.63 0.57 46.88
CA GLN A 122 31.80 1.43 48.05
C GLN A 122 32.87 0.90 48.99
N SER A 123 33.75 0.04 48.50
CA SER A 123 34.84 -0.49 49.31
C SER A 123 35.95 0.55 49.49
N ASN A 128 41.36 -3.46 42.54
CA ASN A 128 41.22 -4.15 43.81
C ASN A 128 40.51 -5.48 43.63
N ALA A 129 39.31 -5.43 43.01
CA ALA A 129 38.57 -6.66 42.77
C ALA A 129 39.37 -7.63 41.90
N GLN A 130 40.04 -7.11 40.87
CA GLN A 130 40.86 -7.98 40.03
C GLN A 130 42.04 -8.55 40.82
N GLN A 131 42.63 -7.76 41.71
CA GLN A 131 43.71 -8.27 42.54
C GLN A 131 43.20 -9.28 43.57
N GLN A 132 41.98 -9.09 44.08
CA GLN A 132 41.40 -10.09 44.98
C GLN A 132 41.13 -11.40 44.25
N ILE A 133 40.66 -11.32 42.99
CA ILE A 133 40.49 -12.52 42.17
C ILE A 133 41.85 -13.15 41.86
N ASP A 134 42.87 -12.32 41.65
CA ASP A 134 44.21 -12.84 41.40
C ASP A 134 44.78 -13.53 42.63
N GLN A 135 44.43 -13.05 43.83
CA GLN A 135 44.84 -13.73 45.05
C GLN A 135 44.10 -15.04 45.22
N TRP A 136 42.78 -15.04 44.96
CA TRP A 136 42.01 -16.28 45.03
C TRP A 136 42.47 -17.29 43.99
N ARG A 137 43.04 -16.83 42.88
CA ARG A 137 43.54 -17.72 41.83
C ARG A 137 44.95 -18.21 42.14
N ALA A 138 45.84 -17.31 42.52
CA ALA A 138 47.16 -17.73 42.98
C ALA A 138 47.07 -18.66 44.17
N ALA A 139 46.10 -18.43 45.05
CA ALA A 139 45.83 -19.36 46.13
C ALA A 139 45.17 -20.65 45.65
N GLY A 140 44.74 -20.71 44.39
CA GLY A 140 44.27 -21.95 43.81
C GLY A 140 42.84 -22.32 44.12
N ASN A 141 41.97 -21.33 44.33
CA ASN A 141 40.60 -21.59 44.72
C ASN A 141 39.78 -21.81 43.45
N PRO A 142 39.14 -22.98 43.27
CA PRO A 142 38.63 -23.34 41.92
C PRO A 142 37.58 -22.40 41.33
N GLU A 143 36.90 -21.56 42.09
CA GLU A 143 35.95 -20.64 41.48
C GLU A 143 36.58 -19.30 41.08
N ALA A 144 37.91 -19.22 41.04
CA ALA A 144 38.55 -17.96 40.65
C ALA A 144 38.25 -17.61 39.20
N GLY A 145 38.28 -18.59 38.30
CA GLY A 145 38.09 -18.31 36.89
C GLY A 145 36.67 -17.88 36.56
N LEU A 146 35.69 -18.54 37.18
CA LEU A 146 34.30 -18.11 37.01
C LEU A 146 34.12 -16.68 37.49
N ALA A 147 34.77 -16.32 38.61
CA ALA A 147 34.69 -14.96 39.11
C ALA A 147 35.31 -13.97 38.15
N GLN A 148 36.42 -14.33 37.52
CA GLN A 148 37.05 -13.36 36.62
C GLN A 148 36.27 -13.23 35.31
N VAL A 149 35.62 -14.31 34.87
CA VAL A 149 34.68 -14.18 33.75
C VAL A 149 33.54 -13.24 34.11
N LEU A 150 33.00 -13.37 35.32
CA LEU A 150 31.98 -12.43 35.78
C LEU A 150 32.48 -10.99 35.78
N LEU A 151 33.72 -10.79 36.23
CA LEU A 151 34.34 -9.46 36.16
C LEU A 151 34.36 -8.94 34.73
N TYR A 152 34.73 -9.80 33.78
CA TYR A 152 34.78 -9.39 32.39
C TYR A 152 33.40 -8.95 31.90
N ARG A 153 32.37 -9.71 32.25
CA ARG A 153 31.04 -9.38 31.77
C ARG A 153 30.55 -8.08 32.37
N THR A 154 30.83 -7.87 33.66
CA THR A 154 30.32 -6.67 34.32
C THR A 154 31.12 -5.42 33.95
N GLN A 155 32.42 -5.54 33.71
CA GLN A 155 33.21 -4.39 33.29
C GLN A 155 33.14 -4.15 31.78
N GLY A 156 32.48 -5.03 31.04
CA GLY A 156 32.34 -4.85 29.60
C GLY A 156 33.54 -5.19 28.77
N THR A 157 34.47 -5.99 29.31
CA THR A 157 35.68 -6.36 28.60
C THR A 157 35.62 -7.79 28.05
N TYR A 158 34.46 -8.44 28.19
CA TYR A 158 34.36 -9.87 27.89
C TYR A 158 34.89 -10.19 26.50
N ASP A 159 34.54 -9.38 25.50
CA ASP A 159 34.96 -9.67 24.14
C ASP A 159 36.46 -9.51 23.94
N GLN A 160 37.15 -8.91 24.91
CA GLN A 160 38.59 -8.70 24.82
C GLN A 160 39.40 -9.86 25.41
N HIS A 161 38.74 -10.81 26.09
CA HIS A 161 39.42 -11.90 26.77
C HIS A 161 38.77 -13.25 26.47
N LEU A 162 38.28 -13.41 25.24
CA LEU A 162 37.59 -14.65 24.87
C LEU A 162 38.49 -15.87 25.02
N GLY A 163 39.78 -15.73 24.71
CA GLY A 163 40.67 -16.88 24.85
C GLY A 163 40.79 -17.35 26.30
N GLU A 164 40.85 -16.41 27.23
CA GLU A 164 40.91 -16.80 28.63
C GLU A 164 39.57 -17.31 29.13
N VAL A 165 38.46 -16.79 28.60
CA VAL A 165 37.15 -17.35 28.92
C VAL A 165 37.10 -18.81 28.51
N GLU A 166 37.67 -19.11 27.34
CA GLU A 166 37.73 -20.50 26.89
C GLU A 166 38.57 -21.34 27.83
N LYS A 167 39.75 -20.84 28.22
CA LYS A 167 40.60 -21.59 29.14
C LYS A 167 39.86 -21.90 30.44
N ILE A 168 39.26 -20.89 31.04
CA ILE A 168 38.56 -21.05 32.31
C ILE A 168 37.42 -22.05 32.19
N CYS A 169 36.53 -21.84 31.21
CA CYS A 169 35.35 -22.71 31.14
C CYS A 169 35.64 -24.10 30.63
N LYS A 170 36.65 -24.27 29.78
CA LYS A 170 37.05 -25.61 29.41
C LYS A 170 37.67 -26.33 30.60
N ALA A 171 38.26 -25.58 31.54
CA ALA A 171 38.71 -26.19 32.78
C ALA A 171 37.53 -26.56 33.68
N ALA A 172 36.50 -25.71 33.71
CA ALA A 172 35.42 -25.85 34.68
C ALA A 172 34.18 -26.54 34.12
N LEU A 173 34.22 -27.01 32.88
CA LEU A 173 33.01 -27.43 32.17
C LEU A 173 32.26 -28.55 32.89
N ASN A 174 33.00 -29.53 33.42
CA ASN A 174 32.39 -30.71 34.01
C ASN A 174 31.89 -30.47 35.43
N THR A 175 32.11 -29.28 35.98
CA THR A 175 31.60 -28.91 37.30
C THR A 175 30.63 -27.75 37.26
N THR A 176 30.50 -27.07 36.12
CA THR A 176 29.82 -25.77 36.06
C THR A 176 29.19 -25.66 34.67
N ASP A 177 27.97 -26.19 34.54
CA ASP A 177 27.37 -26.34 33.21
C ASP A 177 27.06 -25.01 32.54
N ILE A 178 27.02 -23.90 33.28
CA ILE A 178 26.84 -22.60 32.65
C ILE A 178 27.95 -22.35 31.64
N CYS A 179 29.13 -22.95 31.85
CA CYS A 179 30.22 -22.79 30.90
C CYS A 179 29.90 -23.38 29.53
N TYR A 180 28.98 -24.34 29.44
CA TYR A 180 28.49 -24.75 28.13
C TYR A 180 27.99 -23.55 27.32
N VAL A 181 27.25 -22.65 27.98
CA VAL A 181 26.79 -21.44 27.32
C VAL A 181 27.96 -20.50 27.02
N GLU A 182 28.95 -20.43 27.93
CA GLU A 182 30.05 -19.50 27.72
C GLU A 182 30.90 -19.93 26.53
N LEU A 183 31.36 -21.18 26.56
CA LEU A 183 32.14 -21.73 25.46
C LEU A 183 31.41 -21.55 24.12
N ALA A 184 30.14 -21.93 24.07
CA ALA A 184 29.37 -21.75 22.84
C ALA A 184 29.45 -20.31 22.37
N THR A 185 29.24 -19.37 23.29
CA THR A 185 29.33 -17.96 22.92
C THR A 185 30.68 -17.66 22.29
N VAL A 186 31.76 -18.05 22.96
CA VAL A 186 33.09 -17.82 22.40
C VAL A 186 33.16 -18.39 20.98
N TYR A 187 32.72 -19.63 20.81
CA TYR A 187 32.89 -20.26 19.51
C TYR A 187 31.98 -19.63 18.47
N GLN A 188 30.86 -19.05 18.89
CA GLN A 188 30.05 -18.30 17.93
C GLN A 188 30.71 -16.97 17.58
N LYS A 189 31.36 -16.34 18.56
CA LYS A 189 32.00 -15.06 18.29
C LYS A 189 33.19 -15.22 17.35
N ARG A 190 34.02 -16.23 17.60
CA ARG A 190 35.26 -16.40 16.85
C ARG A 190 35.13 -17.36 15.68
N GLY A 191 33.92 -17.74 15.31
CA GLY A 191 33.70 -18.50 14.08
C GLY A 191 34.29 -19.88 14.06
N GLN A 192 34.42 -20.53 15.21
CA GLN A 192 35.13 -21.82 15.31
C GLN A 192 34.12 -22.96 15.21
N ALA A 193 33.85 -23.40 13.98
CA ALA A 193 32.84 -24.45 13.79
C ALA A 193 33.29 -25.79 14.34
N ASP A 194 34.60 -26.05 14.33
CA ASP A 194 35.11 -27.34 14.80
C ASP A 194 34.96 -27.48 16.31
N GLN A 195 35.48 -26.50 17.06
CA GLN A 195 35.29 -26.50 18.50
C GLN A 195 33.81 -26.49 18.86
N GLN A 196 32.98 -25.82 18.05
CA GLN A 196 31.56 -25.81 18.36
C GLN A 196 30.95 -27.19 18.18
N ALA A 197 31.35 -27.91 17.12
CA ALA A 197 30.86 -29.27 16.93
C ALA A 197 31.29 -30.16 18.09
N ALA A 198 32.53 -30.01 18.54
CA ALA A 198 33.00 -30.82 19.66
C ALA A 198 32.21 -30.50 20.93
N LEU A 199 32.00 -29.21 21.20
CA LEU A 199 31.27 -28.79 22.38
C LEU A 199 29.84 -29.32 22.36
N LEU A 200 29.17 -29.18 21.21
CA LEU A 200 27.80 -29.67 21.10
C LEU A 200 27.74 -31.18 21.23
N GLY A 201 28.76 -31.89 20.76
CA GLY A 201 28.80 -33.32 20.99
C GLY A 201 28.86 -33.66 22.46
N GLN A 202 29.74 -32.97 23.19
CA GLN A 202 29.83 -33.28 24.61
C GLN A 202 28.59 -32.82 25.37
N LEU A 203 27.90 -31.80 24.87
CA LEU A 203 26.67 -31.35 25.51
C LEU A 203 25.54 -32.35 25.28
N LYS A 204 25.38 -32.86 24.06
CA LYS A 204 24.40 -33.91 23.81
C LYS A 204 24.68 -35.11 24.70
N SER A 205 25.96 -35.48 24.83
CA SER A 205 26.32 -36.60 25.70
C SER A 205 25.96 -36.31 27.16
N ALA A 206 26.37 -35.14 27.67
CA ALA A 206 26.08 -34.78 29.05
C ALA A 206 24.57 -34.78 29.31
N TYR A 207 23.77 -34.28 28.38
CA TYR A 207 22.32 -34.29 28.58
C TYR A 207 21.79 -35.72 28.56
N ALA A 208 22.35 -36.57 27.69
CA ALA A 208 21.96 -37.98 27.72
C ALA A 208 22.32 -38.63 29.06
N ARG A 209 23.54 -38.40 29.54
CA ARG A 209 23.96 -38.97 30.81
C ARG A 209 23.17 -38.41 32.00
N GLY A 210 22.33 -37.40 31.77
CA GLY A 210 21.61 -36.79 32.87
C GLY A 210 22.40 -35.76 33.63
N ALA A 211 23.51 -35.29 33.07
CA ALA A 211 24.40 -34.36 33.77
C ALA A 211 24.04 -32.90 33.57
N VAL A 212 23.26 -32.56 32.55
CA VAL A 212 22.99 -31.16 32.25
C VAL A 212 21.49 -30.98 32.02
N PRO A 213 20.85 -30.01 32.67
CA PRO A 213 19.40 -29.85 32.52
C PRO A 213 19.02 -29.39 31.11
N ALA A 214 17.75 -29.62 30.76
CA ALA A 214 17.28 -29.29 29.42
C ALA A 214 17.31 -27.79 29.13
N THR A 215 17.08 -26.96 30.16
CA THR A 215 17.11 -25.51 29.95
C THR A 215 18.50 -25.03 29.53
N ARG A 216 19.55 -25.74 29.96
CA ARG A 216 20.89 -25.39 29.51
C ARG A 216 21.06 -25.65 28.02
N VAL A 217 20.51 -26.78 27.54
CA VAL A 217 20.45 -27.04 26.10
C VAL A 217 19.67 -25.94 25.40
N ASP A 218 18.55 -25.52 25.99
CA ASP A 218 17.76 -24.46 25.38
C ASP A 218 18.58 -23.18 25.22
N SER A 219 19.27 -22.77 26.28
CA SER A 219 20.05 -21.54 26.21
C SER A 219 21.23 -21.66 25.26
N VAL A 220 21.84 -22.85 25.14
CA VAL A 220 22.90 -23.01 24.15
C VAL A 220 22.34 -22.89 22.74
N ALA A 221 21.18 -23.51 22.48
CA ALA A 221 20.55 -23.38 21.18
C ALA A 221 20.26 -21.93 20.86
N ARG A 222 19.77 -21.18 21.85
CA ARG A 222 19.48 -19.78 21.57
C ARG A 222 20.75 -18.97 21.34
N VAL A 223 21.87 -19.40 21.91
CA VAL A 223 23.16 -18.78 21.57
C VAL A 223 23.54 -19.10 20.13
N LEU A 224 23.34 -20.33 19.69
CA LEU A 224 23.69 -20.70 18.32
C LEU A 224 22.92 -19.90 17.27
N ALA A 225 21.76 -19.36 17.63
CA ALA A 225 20.92 -18.64 16.68
C ALA A 225 20.95 -17.13 16.88
N ASP A 226 21.83 -16.65 17.76
CA ASP A 226 21.94 -15.22 18.07
C ASP A 226 22.70 -14.54 16.93
N ARG A 227 21.96 -13.88 16.02
CA ARG A 227 22.60 -13.21 14.89
CA ARG A 227 22.61 -13.23 14.90
C ARG A 227 23.65 -12.20 15.35
N SER A 228 23.47 -11.61 16.54
CA SER A 228 24.40 -10.59 17.01
C SER A 228 25.79 -11.14 17.35
N LEU A 229 26.01 -12.45 17.28
CA LEU A 229 27.29 -13.03 17.64
C LEU A 229 28.15 -13.37 16.43
N GLY A 230 27.62 -13.20 15.21
CA GLY A 230 28.27 -13.69 14.02
C GLY A 230 27.37 -14.61 13.22
N GLN A 231 27.95 -15.49 12.42
CA GLN A 231 27.14 -16.41 11.63
C GLN A 231 26.49 -17.43 12.54
N THR A 232 25.18 -17.57 12.41
CA THR A 232 24.41 -18.48 13.24
C THR A 232 24.41 -19.90 12.66
N ASP A 233 24.00 -20.84 13.50
CA ASP A 233 23.79 -22.24 13.14
C ASP A 233 22.35 -22.62 13.51
N GLU A 234 21.40 -22.03 12.78
CA GLU A 234 20.00 -22.14 13.16
C GLU A 234 19.47 -23.56 13.00
N LYS A 235 20.02 -24.35 12.06
CA LYS A 235 19.55 -25.72 11.90
C LYS A 235 19.94 -26.58 13.11
N THR A 236 21.18 -26.42 13.59
CA THR A 236 21.60 -27.15 14.79
C THR A 236 20.79 -26.71 16.00
N ALA A 237 20.51 -25.41 16.10
CA ALA A 237 19.64 -24.91 17.17
C ALA A 237 18.28 -25.61 17.14
N LYS A 238 17.69 -25.72 15.95
CA LYS A 238 16.39 -26.37 15.85
C LYS A 238 16.49 -27.83 16.30
N GLU A 239 17.55 -28.51 15.90
CA GLU A 239 17.67 -29.92 16.24
C GLU A 239 17.88 -30.13 17.75
N LEU A 240 18.56 -29.21 18.43
CA LEU A 240 18.69 -29.32 19.89
C LEU A 240 17.34 -29.06 20.57
N LEU A 241 16.66 -27.98 20.15
CA LEU A 241 15.40 -27.61 20.80
C LEU A 241 14.36 -28.70 20.62
N GLU A 242 14.30 -29.31 19.43
CA GLU A 242 13.31 -30.36 19.20
C GLU A 242 13.57 -31.58 20.06
N GLN A 243 14.81 -31.80 20.48
CA GLN A 243 15.12 -32.94 21.33
C GLN A 243 14.88 -32.69 22.81
N VAL A 244 14.96 -31.43 23.27
CA VAL A 244 14.60 -31.17 24.67
C VAL A 244 13.21 -30.56 24.86
N ALA A 245 12.53 -30.19 23.78
CA ALA A 245 11.20 -29.62 23.94
C ALA A 245 10.21 -30.55 24.65
N PRO A 246 10.13 -31.86 24.36
CA PRO A 246 9.15 -32.69 25.09
C PRO A 246 9.35 -32.66 26.60
N ALA A 247 10.59 -32.51 27.07
CA ALA A 247 10.90 -32.44 28.49
C ALA A 247 11.01 -31.02 29.00
N ASN A 248 10.91 -30.02 28.13
CA ASN A 248 11.06 -28.62 28.51
C ASN A 248 10.14 -27.82 27.61
N PRO A 249 8.89 -27.59 28.05
CA PRO A 249 7.90 -27.00 27.14
C PRO A 249 8.21 -25.58 26.71
N ALA A 250 8.97 -24.81 27.50
CA ALA A 250 9.31 -23.45 27.09
C ALA A 250 10.04 -23.44 25.74
N SER A 251 10.83 -24.46 25.46
CA SER A 251 11.56 -24.50 24.20
C SER A 251 10.62 -24.56 22.99
N TRP A 252 9.37 -25.00 23.15
CA TRP A 252 8.40 -24.87 22.06
C TRP A 252 8.34 -23.42 21.59
N VAL A 253 8.16 -22.50 22.53
CA VAL A 253 8.17 -21.09 22.17
C VAL A 253 9.51 -20.72 21.56
N SER A 254 10.61 -21.24 22.13
CA SER A 254 11.90 -21.01 21.51
C SER A 254 11.89 -21.45 20.06
N LEU A 255 11.39 -22.67 19.80
CA LEU A 255 11.27 -23.13 18.42
C LEU A 255 10.39 -22.20 17.61
N ALA A 256 9.26 -21.78 18.19
CA ALA A 256 8.37 -20.88 17.48
C ALA A 256 9.10 -19.60 17.11
N GLN A 257 9.97 -19.10 17.99
CA GLN A 257 10.66 -17.88 17.65
C GLN A 257 11.76 -18.16 16.63
N LEU A 258 12.40 -19.33 16.73
CA LEU A 258 13.47 -19.65 15.79
C LEU A 258 12.94 -19.70 14.37
N VAL A 259 11.93 -20.54 14.15
CA VAL A 259 11.23 -20.58 12.88
C VAL A 259 10.76 -19.19 12.44
N TYR A 260 10.42 -18.32 13.40
CA TYR A 260 9.97 -17.00 12.98
C TYR A 260 11.13 -16.19 12.43
N ASP A 261 12.27 -16.20 13.13
CA ASP A 261 13.41 -15.42 12.64
C ASP A 261 14.05 -16.10 11.45
N PHE A 262 13.94 -17.42 11.37
CA PHE A 262 14.49 -18.21 10.27
C PHE A 262 13.39 -19.01 9.60
N PRO A 263 12.64 -18.39 8.68
CA PRO A 263 11.59 -19.11 7.95
C PRO A 263 12.08 -20.30 7.14
N GLU A 264 13.36 -20.30 6.75
CA GLU A 264 14.05 -21.47 6.22
C GLU A 264 13.50 -22.75 6.83
N LEU A 265 13.43 -22.77 8.16
CA LEU A 265 13.28 -23.98 8.94
C LEU A 265 11.83 -24.34 9.23
N GLY A 266 10.87 -23.58 8.71
CA GLY A 266 9.47 -23.89 8.98
C GLY A 266 8.51 -22.86 8.43
N ASP A 267 7.38 -23.30 7.90
CA ASP A 267 6.35 -22.41 7.39
C ASP A 267 5.48 -21.91 8.55
N THR A 268 4.42 -21.19 8.21
CA THR A 268 3.53 -20.63 9.23
C THR A 268 2.74 -21.73 9.94
N ASP A 269 2.35 -22.79 9.22
CA ASP A 269 1.70 -23.92 9.87
C ASP A 269 2.65 -24.57 10.88
N GLN A 270 3.91 -24.79 10.50
CA GLN A 270 4.91 -25.31 11.44
C GLN A 270 5.04 -24.40 12.63
N LEU A 271 5.10 -23.08 12.38
CA LEU A 271 5.27 -22.11 13.45
C LEU A 271 4.10 -22.15 14.42
N MET A 272 2.90 -22.30 13.88
CA MET A 272 1.71 -22.31 14.71
C MET A 272 1.62 -23.60 15.51
N ALA A 273 2.06 -24.72 14.94
CA ALA A 273 2.14 -25.94 15.73
C ALA A 273 3.02 -25.75 16.95
N TYR A 274 4.21 -25.12 16.75
CA TYR A 274 5.06 -24.83 17.91
C TYR A 274 4.33 -23.94 18.93
N ILE A 275 3.72 -22.85 18.46
CA ILE A 275 3.06 -21.95 19.42
C ILE A 275 1.93 -22.64 20.15
N ASP A 276 1.27 -23.61 19.51
CA ASP A 276 0.19 -24.30 20.20
C ASP A 276 0.72 -25.27 21.25
N LYS A 277 1.80 -25.98 20.91
CA LYS A 277 2.39 -26.87 21.92
C LYS A 277 2.91 -26.08 23.11
N GLY A 278 3.30 -24.82 22.90
CA GLY A 278 3.79 -24.00 24.01
C GLY A 278 2.72 -23.21 24.75
N ARG A 279 1.64 -22.88 24.04
CA ARG A 279 0.49 -22.18 24.62
C ARG A 279 -0.34 -23.10 25.49
N GLU A 280 -0.01 -24.40 25.53
CA GLU A 280 -0.51 -25.26 26.59
C GLU A 280 0.02 -24.80 27.94
N ALA A 281 1.32 -24.47 28.00
CA ALA A 281 1.87 -23.75 29.13
C ALA A 281 1.46 -22.29 29.14
N GLU A 282 0.79 -21.82 28.09
CA GLU A 282 0.24 -20.47 28.02
C GLU A 282 1.33 -19.42 28.26
N GLN A 283 2.53 -19.71 27.78
CA GLN A 283 3.65 -18.80 27.94
C GLN A 283 3.27 -17.42 27.37
N PRO A 284 3.40 -16.35 28.15
CA PRO A 284 3.05 -15.01 27.63
C PRO A 284 3.84 -14.61 26.39
N ARG A 285 5.11 -15.01 26.30
CA ARG A 285 5.91 -14.94 25.08
C ARG A 285 5.22 -15.47 23.84
N ALA A 286 4.42 -16.52 23.98
CA ALA A 286 3.67 -17.03 22.84
C ALA A 286 2.64 -16.01 22.35
N GLU A 287 1.89 -15.40 23.28
CA GLU A 287 0.96 -14.36 22.88
C GLU A 287 1.71 -13.19 22.23
N LEU A 288 2.86 -12.82 22.79
CA LEU A 288 3.66 -11.75 22.22
C LEU A 288 4.09 -12.09 20.79
N LEU A 289 4.46 -13.34 20.54
CA LEU A 289 4.89 -13.75 19.21
C LEU A 289 3.73 -13.72 18.22
N LEU A 290 2.54 -14.17 18.63
CA LEU A 290 1.39 -14.08 17.74
C LEU A 290 1.05 -12.63 17.43
N GLY A 291 1.09 -11.77 18.45
CA GLY A 291 0.86 -10.36 18.22
C GLY A 291 1.82 -9.78 17.20
N ARG A 292 3.12 -10.06 17.39
CA ARG A 292 4.11 -9.56 16.45
C ARG A 292 3.90 -10.13 15.05
N LEU A 293 3.45 -11.39 14.95
CA LEU A 293 3.27 -11.99 13.64
C LEU A 293 2.17 -11.28 12.87
N TYR A 294 1.04 -11.01 13.52
CA TYR A 294 0.00 -10.25 12.84
C TYR A 294 0.34 -8.76 12.69
N TYR A 295 1.23 -8.23 13.52
CA TYR A 295 1.64 -6.83 13.39
C TYR A 295 2.56 -6.61 12.20
N GLU A 296 3.61 -7.43 12.08
CA GLU A 296 4.71 -7.10 11.19
C GLU A 296 4.43 -7.45 9.73
N GLY A 297 3.43 -8.28 9.46
CA GLY A 297 3.13 -8.72 8.10
C GLY A 297 4.34 -9.29 7.37
N LYS A 298 5.07 -10.22 7.99
CA LYS A 298 6.27 -10.77 7.39
C LYS A 298 6.04 -12.18 6.82
N THR A 299 5.63 -13.11 7.66
CA THR A 299 5.30 -14.46 7.21
C THR A 299 3.81 -14.63 6.92
N LEU A 300 2.99 -13.62 7.18
CA LEU A 300 1.56 -13.64 6.94
C LEU A 300 1.14 -12.25 6.51
N PRO A 301 -0.03 -12.10 5.88
CA PRO A 301 -0.55 -10.75 5.65
C PRO A 301 -0.97 -10.12 6.98
N ALA A 302 -0.62 -8.85 7.13
CA ALA A 302 -0.85 -8.15 8.39
C ALA A 302 -2.33 -8.04 8.71
N ASP A 303 -2.67 -8.34 9.96
CA ASP A 303 -4.05 -8.31 10.44
C ASP A 303 -4.00 -7.51 11.74
N ALA A 304 -4.43 -6.24 11.68
CA ALA A 304 -4.30 -5.37 12.84
C ALA A 304 -5.23 -5.79 13.98
N GLN A 305 -6.37 -6.40 13.67
CA GLN A 305 -7.29 -6.78 14.73
C GLN A 305 -6.75 -7.97 15.53
N LYS A 306 -6.28 -9.01 14.83
CA LYS A 306 -5.69 -10.15 15.52
C LYS A 306 -4.44 -9.74 16.27
N ALA A 307 -3.64 -8.86 15.67
CA ALA A 307 -2.51 -8.28 16.36
C ALA A 307 -2.93 -7.65 17.67
N GLU A 308 -3.96 -6.79 17.62
CA GLU A 308 -4.38 -6.10 18.82
C GLU A 308 -4.79 -7.09 19.90
N GLN A 309 -5.52 -8.14 19.51
CA GLN A 309 -6.00 -9.10 20.50
C GLN A 309 -4.82 -9.81 21.18
N HIS A 310 -3.91 -10.36 20.39
CA HIS A 310 -2.82 -11.13 21.01
C HIS A 310 -1.84 -10.22 21.77
N LEU A 311 -1.62 -9.00 21.30
CA LEU A 311 -0.79 -8.07 22.04
C LEU A 311 -1.44 -7.68 23.37
N GLN A 312 -2.77 -7.53 23.37
CA GLN A 312 -3.48 -7.24 24.62
C GLN A 312 -3.30 -8.39 25.61
N ALA A 313 -3.45 -9.63 25.12
CA ALA A 313 -3.19 -10.78 25.98
C ALA A 313 -1.77 -10.74 26.53
N ALA A 314 -0.79 -10.42 25.68
CA ALA A 314 0.60 -10.40 26.13
C ALA A 314 0.84 -9.31 27.17
N ALA A 315 0.23 -8.14 26.98
CA ALA A 315 0.48 -7.03 27.91
C ALA A 315 -0.21 -7.26 29.25
N GLU A 316 -1.36 -7.94 29.26
CA GLU A 316 -1.96 -8.27 30.55
C GLU A 316 -1.15 -9.31 31.31
N ALA A 317 -0.23 -10.03 30.65
CA ALA A 317 0.53 -11.11 31.26
C ALA A 317 1.97 -10.73 31.60
N GLY A 318 2.37 -9.48 31.39
CA GLY A 318 3.72 -9.10 31.74
C GLY A 318 4.49 -8.31 30.71
N GLU A 319 4.56 -8.77 29.45
CA GLU A 319 5.44 -8.16 28.47
C GLU A 319 5.05 -6.72 28.14
N ILE A 320 5.81 -5.80 28.73
CA ILE A 320 5.82 -4.38 28.38
C ILE A 320 6.13 -4.08 26.93
N SER A 321 6.73 -5.01 26.18
CA SER A 321 6.99 -4.73 24.77
C SER A 321 5.70 -4.76 23.95
N ALA A 322 4.74 -5.59 24.37
CA ALA A 322 3.42 -5.53 23.77
C ALA A 322 2.85 -4.13 23.88
N HIS A 323 3.19 -3.41 24.95
CA HIS A 323 2.73 -2.03 25.10
C HIS A 323 3.30 -1.14 24.01
N TYR A 324 4.60 -1.29 23.72
CA TYR A 324 5.21 -0.53 22.63
C TYR A 324 4.45 -0.78 21.33
N TYR A 325 4.19 -2.05 21.01
CA TYR A 325 3.52 -2.35 19.75
C TYR A 325 2.10 -1.80 19.72
N LEU A 326 1.34 -1.94 20.82
CA LEU A 326 -0.01 -1.38 20.86
C LEU A 326 0.01 0.13 20.68
N GLY A 327 0.97 0.80 21.33
CA GLY A 327 1.08 2.24 21.17
C GLY A 327 1.30 2.62 19.71
N GLN A 328 2.25 1.96 19.05
CA GLN A 328 2.46 2.23 17.63
C GLN A 328 1.21 1.94 16.81
N LEU A 329 0.47 0.88 17.17
CA LEU A 329 -0.72 0.49 16.42
C LEU A 329 -1.79 1.58 16.48
N TYR A 330 -2.05 2.09 17.69
CA TYR A 330 -3.04 3.16 17.82
C TYR A 330 -2.53 4.47 17.23
N ARG A 331 -1.21 4.66 17.22
CA ARG A 331 -0.65 5.88 16.66
C ARG A 331 -0.82 5.93 15.14
N ARG A 332 -0.51 4.85 14.44
CA ARG A 332 -0.57 4.84 12.99
CA ARG A 332 -0.58 4.87 13.00
C ARG A 332 -2.01 4.71 12.48
N GLY A 333 -2.86 3.98 13.20
CA GLY A 333 -4.23 3.78 12.78
C GLY A 333 -4.48 2.55 11.92
N TYR A 334 -3.62 1.53 11.99
CA TYR A 334 -3.80 0.33 11.18
C TYR A 334 -5.19 -0.28 11.32
N LEU A 335 -5.86 -0.06 12.45
CA LEU A 335 -7.22 -0.55 12.61
C LEU A 335 -8.23 0.26 11.80
N GLY A 336 -7.86 1.43 11.29
CA GLY A 336 -8.78 2.23 10.51
C GLY A 336 -8.81 3.67 10.97
N ASN A 337 -8.48 3.92 12.23
CA ASN A 337 -8.52 5.25 12.82
C ASN A 337 -7.35 5.42 13.79
N VAL A 338 -6.76 6.61 13.79
CA VAL A 338 -5.81 6.94 14.84
C VAL A 338 -6.57 7.08 16.15
N GLU A 339 -5.96 6.61 17.24
CA GLU A 339 -6.54 6.73 18.58
C GLU A 339 -5.48 7.38 19.45
N PRO A 340 -5.47 8.72 19.51
CA PRO A 340 -4.32 9.42 20.12
C PRO A 340 -4.07 9.05 21.57
N GLN A 341 -5.10 9.14 22.42
CA GLN A 341 -4.88 8.90 23.84
C GLN A 341 -4.43 7.48 24.12
N LYS A 342 -5.00 6.49 23.43
CA LYS A 342 -4.57 5.12 23.64
C LYS A 342 -3.12 4.95 23.26
N ALA A 343 -2.71 5.57 22.16
CA ALA A 343 -1.32 5.54 21.75
C ALA A 343 -0.42 6.11 22.84
N VAL A 344 -0.78 7.28 23.37
CA VAL A 344 0.02 7.91 24.43
C VAL A 344 0.09 6.99 25.64
N ASP A 345 -1.05 6.47 26.08
CA ASP A 345 -1.07 5.64 27.29
C ASP A 345 -0.16 4.43 27.13
N HIS A 346 -0.30 3.69 26.02
CA HIS A 346 0.47 2.46 25.88
C HIS A 346 1.94 2.73 25.64
N LEU A 347 2.27 3.74 24.81
CA LEU A 347 3.67 4.12 24.65
C LEU A 347 4.29 4.54 25.97
N LEU A 348 3.51 5.27 26.79
CA LEU A 348 4.00 5.73 28.08
C LEU A 348 4.25 4.57 29.03
N ALA A 349 3.37 3.58 29.02
CA ALA A 349 3.61 2.41 29.85
C ALA A 349 4.89 1.70 29.42
N ALA A 350 5.08 1.53 28.10
CA ALA A 350 6.30 0.92 27.60
C ALA A 350 7.54 1.69 28.06
N ALA A 351 7.50 3.01 27.94
CA ALA A 351 8.62 3.84 28.37
C ALA A 351 8.88 3.70 29.86
N ARG A 352 7.83 3.80 30.67
CA ARG A 352 7.94 3.61 32.11
C ARG A 352 8.35 2.21 32.49
N GLY A 353 8.34 1.27 31.53
CA GLY A 353 8.82 -0.07 31.75
C GLY A 353 10.23 -0.37 31.27
N GLY A 354 10.89 0.59 30.61
CA GLY A 354 12.26 0.41 30.18
C GLY A 354 12.52 0.23 28.70
N GLN A 355 11.56 0.57 27.84
CA GLN A 355 11.75 0.57 26.39
C GLN A 355 12.10 1.99 25.96
N ASN A 356 13.34 2.18 25.48
CA ASN A 356 13.76 3.55 25.16
C ASN A 356 13.11 4.06 23.90
N SER A 357 12.99 3.21 22.87
CA SER A 357 12.35 3.61 21.62
C SER A 357 10.96 4.19 21.84
N ALA A 358 10.34 3.90 22.98
CA ALA A 358 9.02 4.46 23.29
C ALA A 358 9.08 5.98 23.45
N ASP A 359 10.04 6.47 24.25
CA ASP A 359 10.11 7.90 24.50
C ASP A 359 10.21 8.69 23.21
N TYR A 360 11.18 8.34 22.36
CA TYR A 360 11.30 8.98 21.05
C TYR A 360 9.98 8.88 20.30
N ALA A 361 9.35 7.70 20.30
CA ALA A 361 8.04 7.53 19.69
C ALA A 361 7.06 8.60 20.17
N LEU A 362 6.97 8.77 21.49
CA LEU A 362 6.06 9.79 22.04
C LEU A 362 6.44 11.17 21.55
N ALA A 363 7.74 11.47 21.52
CA ALA A 363 8.17 12.77 21.01
C ALA A 363 7.77 12.93 19.55
N GLN A 364 7.83 11.84 18.79
CA GLN A 364 7.35 11.91 17.41
C GLN A 364 5.84 12.12 17.40
N LEU A 365 5.13 11.44 18.30
CA LEU A 365 3.66 11.51 18.30
C LEU A 365 3.18 12.93 18.53
N PHE A 366 3.83 13.67 19.42
CA PHE A 366 3.43 15.03 19.76
C PHE A 366 4.02 16.07 18.82
N SER A 367 4.58 15.65 17.70
CA SER A 367 5.27 16.57 16.79
C SER A 367 4.75 16.51 15.36
N GLU A 368 4.48 15.31 14.85
CA GLU A 368 4.32 15.06 13.41
C GLU A 368 2.94 15.39 12.86
N GLY A 369 1.99 15.79 13.70
CA GLY A 369 0.63 15.95 13.22
C GLY A 369 0.01 14.62 12.88
N HIS A 370 -0.24 14.39 11.59
CA HIS A 370 -0.77 13.12 11.06
C HIS A 370 -2.00 12.66 11.85
N GLY A 371 -2.88 13.60 12.19
CA GLY A 371 -4.08 13.28 12.92
C GLY A 371 -4.00 13.45 14.43
N ILE A 372 -2.84 13.78 14.98
CA ILE A 372 -2.67 13.99 16.42
C ILE A 372 -2.24 15.43 16.64
N ARG A 373 -2.94 16.13 17.53
CA ARG A 373 -2.68 17.55 17.71
C ARG A 373 -1.28 17.77 18.26
N PRO A 374 -0.40 18.48 17.55
CA PRO A 374 0.94 18.73 18.08
C PRO A 374 0.90 19.51 19.38
N GLN A 375 1.63 19.04 20.37
CA GLN A 375 1.83 19.75 21.64
C GLN A 375 3.33 19.83 21.94
N PRO A 376 3.97 20.97 21.66
CA PRO A 376 5.43 21.01 21.65
C PRO A 376 6.07 20.75 23.01
N GLY A 377 5.43 21.18 24.10
CA GLY A 377 6.02 20.98 25.42
C GLY A 377 6.18 19.51 25.77
N ASN A 378 5.17 18.69 25.48
CA ASN A 378 5.25 17.31 25.96
C ASN A 378 6.18 16.50 25.06
N ALA A 379 6.14 16.77 23.75
CA ALA A 379 7.18 16.32 22.84
C ALA A 379 8.57 16.63 23.38
N TRP A 380 8.77 17.85 23.88
CA TRP A 380 10.06 18.21 24.49
C TRP A 380 10.42 17.27 25.63
N VAL A 381 9.49 17.12 26.58
CA VAL A 381 9.73 16.23 27.71
C VAL A 381 10.21 14.86 27.22
N PHE A 382 9.51 14.32 26.22
CA PHE A 382 9.83 12.95 25.82
C PHE A 382 11.09 12.86 24.97
N ALA A 383 11.44 13.89 24.20
CA ALA A 383 12.71 13.87 23.50
C ALA A 383 13.86 13.88 24.49
N GLN A 384 13.73 14.69 25.55
CA GLN A 384 14.73 14.69 26.62
C GLN A 384 14.86 13.31 27.25
N LEU A 385 13.72 12.68 27.60
CA LEU A 385 13.76 11.30 28.08
C LEU A 385 14.42 10.34 27.10
N SER A 386 14.18 10.54 25.80
CA SER A 386 14.76 9.66 24.81
C SER A 386 16.28 9.78 24.77
N GLN A 387 16.82 10.93 25.15
CA GLN A 387 18.27 11.11 25.13
C GLN A 387 19.05 10.08 25.95
N ALA A 388 18.39 9.28 26.80
CA ALA A 388 19.09 8.29 27.62
C ALA A 388 19.98 7.40 26.77
N ASN A 389 19.50 7.02 25.58
CA ASN A 389 20.30 6.34 24.57
C ASN A 389 20.14 7.17 23.32
N PRO A 390 20.96 8.21 23.14
CA PRO A 390 20.68 9.22 22.13
C PRO A 390 21.00 8.74 20.71
N THR A 391 20.35 9.37 19.77
CA THR A 391 20.61 9.21 18.33
C THR A 391 20.71 10.59 17.72
N PRO A 392 21.23 10.68 16.48
CA PRO A 392 21.19 11.98 15.79
C PRO A 392 19.79 12.54 15.67
N GLN A 393 18.85 11.74 15.18
CA GLN A 393 17.46 12.20 15.04
C GLN A 393 16.90 12.67 16.38
N SER A 394 17.28 12.00 17.47
CA SER A 394 16.81 12.37 18.80
C SER A 394 17.15 13.82 19.13
N ALA A 395 18.44 14.13 19.15
CA ALA A 395 18.86 15.48 19.51
C ALA A 395 18.41 16.51 18.47
N GLU A 396 18.26 16.09 17.21
CA GLU A 396 17.83 17.04 16.18
C GLU A 396 16.38 17.46 16.39
N LEU A 397 15.51 16.49 16.67
CA LEU A 397 14.16 16.80 17.12
C LEU A 397 14.18 17.67 18.38
N LEU A 398 15.06 17.34 19.33
CA LEU A 398 15.09 18.08 20.58
C LEU A 398 15.44 19.55 20.33
N GLN A 399 16.42 19.80 19.46
CA GLN A 399 16.82 21.16 19.15
C GLN A 399 15.71 21.92 18.44
N GLN A 400 15.05 21.29 17.47
CA GLN A 400 13.96 21.96 16.77
C GLN A 400 12.85 22.35 17.74
N LEU A 401 12.42 21.39 18.57
CA LEU A 401 11.37 21.66 19.56
C LEU A 401 11.81 22.76 20.53
N ASP A 402 13.04 22.66 21.03
CA ASP A 402 13.53 23.62 22.02
C ASP A 402 13.53 25.02 21.44
N GLN A 403 13.99 25.18 20.19
CA GLN A 403 13.94 26.48 19.55
C GLN A 403 12.52 26.90 19.20
N GLN A 404 11.56 25.99 19.25
CA GLN A 404 10.17 26.38 19.00
C GLN A 404 9.45 26.89 20.25
N LEU A 405 9.98 26.63 21.45
CA LEU A 405 9.28 26.99 22.66
C LEU A 405 9.75 28.33 23.22
N THR A 406 8.92 28.91 24.09
CA THR A 406 9.26 30.15 24.80
C THR A 406 9.89 29.78 26.13
N PRO A 407 10.47 30.75 26.86
CA PRO A 407 11.08 30.37 28.15
C PRO A 407 10.09 29.86 29.18
N ASP A 408 8.90 30.47 29.28
CA ASP A 408 7.93 29.98 30.26
C ASP A 408 7.43 28.59 29.91
N GLN A 409 7.18 28.33 28.62
CA GLN A 409 6.85 26.98 28.18
C GLN A 409 7.98 26.01 28.52
N ARG A 410 9.22 26.42 28.28
CA ARG A 410 10.35 25.55 28.60
C ARG A 410 10.40 25.22 30.08
N ASN A 411 10.10 26.20 30.93
CA ASN A 411 10.14 25.95 32.38
C ASN A 411 9.03 24.99 32.81
N GLN A 412 7.82 25.18 32.30
CA GLN A 412 6.75 24.23 32.61
C GLN A 412 7.09 22.83 32.11
N ALA A 413 7.75 22.75 30.95
CA ALA A 413 8.15 21.46 30.41
C ALA A 413 9.21 20.80 31.29
N GLN A 414 10.17 21.59 31.78
CA GLN A 414 11.15 21.06 32.73
C GLN A 414 10.46 20.57 34.00
N GLN A 415 9.37 21.22 34.39
CA GLN A 415 8.62 20.76 35.55
C GLN A 415 8.07 19.34 35.32
N LEU A 416 7.36 19.13 34.20
CA LEU A 416 6.92 17.76 33.87
C LEU A 416 8.07 16.78 33.73
N LEU A 417 9.15 17.18 33.06
CA LEU A 417 10.32 16.30 32.96
C LEU A 417 10.78 15.83 34.34
N ASP A 418 10.96 16.77 35.27
CA ASP A 418 11.43 16.39 36.60
C ASP A 418 10.39 15.53 37.31
N GLN A 419 9.11 15.83 37.10
CA GLN A 419 8.04 15.11 37.76
C GLN A 419 7.89 13.70 37.22
N GLU A 420 8.33 13.45 35.99
CA GLU A 420 8.34 12.12 35.41
C GLU A 420 9.59 11.34 35.78
N LYS A 421 10.76 11.99 35.85
CA LYS A 421 11.91 11.27 36.38
C LYS A 421 11.66 10.90 37.84
N ARG A 422 10.71 11.57 38.50
CA ARG A 422 10.28 11.05 39.78
C ARG A 422 9.34 9.88 39.53
N ALA A 423 9.84 8.86 38.85
CA ALA A 423 9.19 7.56 38.74
C ALA A 423 9.97 6.62 39.65
N ARG A 424 9.45 6.41 40.86
CA ARG A 424 10.11 5.52 41.82
C ARG A 424 10.40 4.16 41.20
N GLY A 425 9.38 3.54 40.63
CA GLY A 425 9.56 2.36 39.79
C GLY A 425 10.42 1.27 40.40
N SER A 426 10.32 1.07 41.70
CA SER A 426 11.10 0.05 42.38
C SER A 426 10.43 -0.41 43.66
N ALA B 29 3.04 9.29 37.57
CA ALA B 29 2.20 10.24 38.28
C ALA B 29 1.68 11.39 37.36
N PRO B 30 2.54 12.05 36.60
CA PRO B 30 2.04 13.07 35.68
C PRO B 30 1.18 12.46 34.59
N THR B 31 0.17 13.21 34.16
CA THR B 31 -0.75 12.78 33.11
C THR B 31 -0.47 13.54 31.83
N PHE B 32 -0.36 12.79 30.72
CA PHE B 32 -0.12 13.36 29.40
C PHE B 32 -1.28 12.97 28.49
N SER B 33 -1.98 13.96 27.95
CA SER B 33 -3.12 13.72 27.08
C SER B 33 -2.80 14.12 25.65
N ALA B 34 -3.54 13.53 24.71
CA ALA B 34 -3.41 13.79 23.27
C ALA B 34 -4.77 14.01 22.65
N GLU B 35 -4.81 14.76 21.55
CA GLU B 35 -6.03 15.17 20.90
C GLU B 35 -6.00 14.90 19.40
N PRO B 36 -7.15 14.55 18.81
CA PRO B 36 -7.21 14.45 17.35
C PRO B 36 -7.24 15.84 16.76
N CYS B 37 -6.44 16.07 15.72
CA CYS B 37 -6.37 17.42 15.18
C CYS B 37 -6.83 17.49 13.75
N CYS B 38 -7.82 18.35 13.53
CA CYS B 38 -7.73 19.47 12.60
C CYS B 38 -8.92 19.46 11.66
N GLN B 39 -9.99 20.13 12.10
CA GLN B 39 -11.09 20.43 11.21
C GLN B 39 -10.58 21.29 10.06
N LEU B 40 -11.23 21.13 8.91
CA LEU B 40 -10.86 21.93 7.75
C LEU B 40 -10.93 23.40 8.10
N CYS B 41 -9.89 24.15 7.72
CA CYS B 41 -9.88 25.58 7.99
C CYS B 41 -10.99 26.26 7.20
N PRO B 42 -11.55 27.36 7.71
CA PRO B 42 -12.65 28.04 7.00
C PRO B 42 -12.23 28.59 5.66
N GLU B 43 -10.92 28.75 5.46
CA GLU B 43 -10.35 29.35 4.27
C GLU B 43 -10.48 28.42 3.06
N ALA B 44 -10.59 27.12 3.29
CA ALA B 44 -10.78 26.18 2.20
C ALA B 44 -12.18 26.25 1.59
N HIS B 45 -13.12 26.93 2.26
CA HIS B 45 -14.43 27.14 1.67
C HIS B 45 -14.43 28.25 0.63
N ASP B 46 -13.31 28.96 0.50
CA ASP B 46 -13.18 30.08 -0.43
C ASP B 46 -12.85 29.56 -1.81
N ALA B 47 -13.82 29.58 -2.72
CA ALA B 47 -13.59 29.08 -4.07
C ALA B 47 -12.47 29.81 -4.78
N SER B 48 -12.11 31.02 -4.30
CA SER B 48 -11.06 31.80 -4.93
C SER B 48 -9.74 31.05 -4.98
N ARG B 49 -9.55 30.11 -4.06
CA ARG B 49 -8.25 29.53 -3.79
C ARG B 49 -7.94 28.29 -4.61
N TYR B 50 -8.90 27.78 -5.36
CA TYR B 50 -8.68 26.62 -6.21
C TYR B 50 -8.38 27.10 -7.62
N THR B 51 -7.19 27.70 -7.78
CA THR B 51 -6.82 28.37 -9.01
C THR B 51 -6.23 27.43 -10.06
N THR B 52 -5.36 26.52 -9.66
CA THR B 52 -4.74 25.65 -10.67
C THR B 52 -5.77 24.70 -11.26
N ARG B 53 -5.40 24.08 -12.38
CA ARG B 53 -6.29 23.12 -13.02
C ARG B 53 -6.54 21.92 -12.11
N TYR B 54 -5.49 21.42 -11.47
CA TYR B 54 -5.63 20.30 -10.54
C TYR B 54 -6.61 20.63 -9.43
N GLN B 55 -6.39 21.77 -8.76
CA GLN B 55 -7.26 22.16 -7.66
C GLN B 55 -8.72 22.27 -8.10
N GLN B 56 -8.95 22.57 -9.38
CA GLN B 56 -10.33 22.75 -9.84
C GLN B 56 -11.17 21.50 -9.70
N ASN B 57 -10.56 20.33 -9.57
CA ASN B 57 -11.39 19.14 -9.37
C ASN B 57 -11.83 18.96 -7.92
N PHE B 58 -11.47 19.89 -7.02
CA PHE B 58 -11.76 19.75 -5.59
C PHE B 58 -12.64 20.87 -5.06
N THR B 59 -13.21 21.69 -5.94
CA THR B 59 -13.84 22.93 -5.55
C THR B 59 -15.26 22.66 -5.06
N THR B 60 -15.60 23.04 -3.82
CA THR B 60 -14.68 23.37 -2.72
C THR B 60 -14.74 22.21 -1.74
N LEU B 61 -13.76 22.13 -0.84
CA LEU B 61 -13.74 21.05 0.14
C LEU B 61 -14.60 21.40 1.35
N VAL B 62 -15.35 20.41 1.83
CA VAL B 62 -16.17 20.56 3.03
C VAL B 62 -15.84 19.44 4.01
N GLN B 63 -15.86 19.77 5.30
CA GLN B 63 -15.56 18.84 6.37
C GLN B 63 -16.78 17.98 6.70
N ALA B 64 -16.53 16.69 6.94
CA ALA B 64 -17.58 15.78 7.36
C ALA B 64 -17.14 15.02 8.60
N GLN B 65 -17.85 13.93 8.93
CA GLN B 65 -17.53 13.19 10.14
C GLN B 65 -16.14 12.56 10.04
N GLY B 66 -15.48 12.44 11.19
CA GLY B 66 -14.10 11.99 11.17
C GLY B 66 -13.25 12.93 10.35
N ASP B 67 -12.44 12.35 9.47
CA ASP B 67 -11.71 13.13 8.49
C ASP B 67 -12.20 12.86 7.07
N TRP B 68 -13.47 12.44 6.93
CA TRP B 68 -14.14 12.49 5.64
C TRP B 68 -14.17 13.93 5.15
N LEU B 69 -13.65 14.16 3.94
CA LEU B 69 -13.85 15.42 3.23
C LEU B 69 -14.70 15.16 2.00
N PHE B 70 -15.32 16.22 1.47
CA PHE B 70 -16.10 16.09 0.25
C PHE B 70 -15.85 17.28 -0.67
N ARG B 71 -15.78 17.02 -1.98
CA ARG B 71 -15.73 18.08 -2.99
C ARG B 71 -17.14 18.42 -3.44
N THR B 72 -17.56 19.67 -3.23
CA THR B 72 -18.95 20.03 -3.48
C THR B 72 -19.33 19.84 -4.94
N ARG B 73 -18.56 20.44 -5.87
CA ARG B 73 -18.95 20.43 -7.28
C ARG B 73 -18.97 19.01 -7.85
N GLU B 74 -18.03 18.15 -7.48
CA GLU B 74 -18.01 16.82 -8.06
C GLU B 74 -18.71 15.77 -7.20
N ASP B 75 -18.49 15.78 -5.89
CA ASP B 75 -19.07 14.75 -5.04
C ASP B 75 -20.54 14.99 -4.74
N LEU B 76 -20.99 16.25 -4.71
CA LEU B 76 -22.35 16.55 -4.26
C LEU B 76 -23.22 17.09 -5.39
N ARG B 77 -22.80 16.91 -6.63
CA ARG B 77 -23.60 17.28 -7.79
C ARG B 77 -24.94 16.56 -7.77
N THR B 78 -25.90 17.11 -8.51
CA THR B 78 -27.21 16.47 -8.68
C THR B 78 -27.55 16.22 -10.14
N GLU B 79 -26.63 16.52 -11.07
CA GLU B 79 -26.94 16.58 -12.50
C GLU B 79 -26.01 15.63 -13.24
N PHE B 80 -26.60 14.70 -13.99
CA PHE B 80 -25.86 13.65 -14.70
C PHE B 80 -26.38 13.60 -16.14
N ASN B 81 -25.91 14.51 -16.97
CA ASN B 81 -26.44 14.63 -18.32
C ASN B 81 -25.32 15.03 -19.27
N THR B 82 -25.59 14.88 -20.56
CA THR B 82 -24.66 15.34 -21.58
C THR B 82 -25.49 15.98 -22.68
N THR B 83 -24.80 16.48 -23.71
CA THR B 83 -25.48 17.17 -24.79
C THR B 83 -25.97 16.19 -25.83
N PRO B 84 -26.91 16.61 -26.70
CA PRO B 84 -27.39 15.70 -27.76
C PRO B 84 -26.27 15.16 -28.64
N ALA B 85 -25.27 15.98 -28.97
CA ALA B 85 -24.11 15.48 -29.68
C ALA B 85 -23.46 14.33 -28.91
N GLY B 86 -23.39 14.44 -27.58
CA GLY B 86 -22.84 13.36 -26.78
C GLY B 86 -23.63 12.07 -26.91
N TYR B 87 -24.96 12.15 -26.80
CA TYR B 87 -25.76 10.95 -26.90
C TYR B 87 -25.65 10.34 -28.30
N LYS B 88 -25.63 11.18 -29.34
CA LYS B 88 -25.48 10.65 -30.70
C LYS B 88 -24.16 9.91 -30.85
N ARG B 89 -23.08 10.47 -30.30
CA ARG B 89 -21.80 9.79 -30.37
C ARG B 89 -21.82 8.48 -29.59
N LEU B 90 -22.41 8.49 -28.39
CA LEU B 90 -22.46 7.26 -27.61
C LEU B 90 -23.23 6.17 -28.34
N GLN B 91 -24.33 6.55 -29.01
CA GLN B 91 -25.10 5.60 -29.79
C GLN B 91 -24.28 5.03 -30.93
N GLN B 92 -23.58 5.90 -31.67
CA GLN B 92 -22.74 5.44 -32.77
C GLN B 92 -21.66 4.47 -32.27
N VAL B 93 -21.04 4.78 -31.14
CA VAL B 93 -20.00 3.90 -30.63
C VAL B 93 -20.57 2.54 -30.27
N HIS B 94 -21.74 2.52 -29.62
CA HIS B 94 -22.38 1.24 -29.33
C HIS B 94 -22.60 0.43 -30.59
N ASP B 95 -23.20 1.08 -31.60
CA ASP B 95 -23.55 0.35 -32.82
C ASP B 95 -22.31 -0.12 -33.56
N ALA B 96 -21.22 0.65 -33.49
CA ALA B 96 -20.00 0.28 -34.18
C ALA B 96 -19.32 -0.91 -33.51
N PHE B 97 -19.23 -0.90 -32.17
CA PHE B 97 -18.79 -2.09 -31.46
C PHE B 97 -19.66 -3.30 -31.82
N LYS B 98 -20.98 -3.10 -31.89
CA LYS B 98 -21.88 -4.22 -32.18
C LYS B 98 -21.61 -4.80 -33.56
N LYS B 99 -21.33 -3.95 -34.55
CA LYS B 99 -20.97 -4.49 -35.86
C LYS B 99 -19.64 -5.25 -35.81
N ARG B 100 -18.69 -4.83 -34.97
CA ARG B 100 -17.47 -5.62 -34.76
C ARG B 100 -17.71 -6.87 -33.92
N GLY B 101 -18.91 -7.07 -33.40
CA GLY B 101 -19.19 -8.24 -32.58
C GLY B 101 -18.85 -8.11 -31.12
N VAL B 102 -19.00 -6.92 -30.54
CA VAL B 102 -18.66 -6.65 -29.15
C VAL B 102 -19.87 -6.06 -28.45
N GLU B 103 -20.26 -6.65 -27.32
CA GLU B 103 -21.26 -6.06 -26.43
C GLU B 103 -20.52 -5.28 -25.34
N LEU B 104 -21.11 -4.16 -24.92
CA LEU B 104 -20.48 -3.30 -23.93
C LEU B 104 -21.28 -3.24 -22.63
N VAL B 105 -20.56 -3.36 -21.52
CA VAL B 105 -21.12 -3.24 -20.18
C VAL B 105 -20.59 -1.93 -19.59
N VAL B 106 -21.47 -0.96 -19.39
CA VAL B 106 -21.06 0.36 -18.93
C VAL B 106 -21.13 0.38 -17.41
N VAL B 107 -19.99 0.65 -16.77
CA VAL B 107 -19.88 0.79 -15.32
C VAL B 107 -19.68 2.28 -15.04
N TYR B 108 -20.75 2.93 -14.58
CA TYR B 108 -20.86 4.37 -14.45
C TYR B 108 -20.90 4.65 -12.96
N GLN B 109 -19.74 5.01 -12.40
CA GLN B 109 -19.58 5.06 -10.94
C GLN B 109 -20.52 6.08 -10.31
N PRO B 110 -21.33 5.70 -9.33
CA PRO B 110 -22.06 6.71 -8.56
C PRO B 110 -21.09 7.55 -7.74
N THR B 111 -21.51 8.78 -7.42
CA THR B 111 -20.59 9.75 -6.85
C THR B 111 -20.29 9.43 -5.38
N ARG B 112 -19.24 10.07 -4.87
CA ARG B 112 -18.93 9.95 -3.43
C ARG B 112 -20.10 10.45 -2.58
N GLY B 113 -20.77 11.51 -3.04
CA GLY B 113 -21.93 12.00 -2.31
C GLY B 113 -23.07 11.01 -2.30
N LEU B 114 -23.46 10.52 -3.49
CA LEU B 114 -24.53 9.54 -3.62
C LEU B 114 -24.33 8.32 -2.72
N VAL B 115 -23.08 7.85 -2.59
CA VAL B 115 -22.87 6.61 -1.88
C VAL B 115 -22.64 6.84 -0.39
N ASN B 116 -21.91 7.89 -0.01
CA ASN B 116 -21.50 8.04 1.38
C ASN B 116 -22.07 9.30 2.02
N ARG B 117 -23.24 9.75 1.55
CA ARG B 117 -23.89 10.91 2.17
C ARG B 117 -24.05 10.79 3.68
N ASN B 118 -24.24 9.58 4.21
CA ASN B 118 -24.51 9.46 5.63
C ASN B 118 -23.29 9.74 6.51
N MET B 119 -22.11 9.89 5.91
CA MET B 119 -20.95 10.38 6.65
C MET B 119 -20.88 11.90 6.67
N LEU B 120 -21.75 12.58 5.94
CA LEU B 120 -21.75 14.03 5.96
C LEU B 120 -22.13 14.56 7.33
N ASN B 121 -21.68 15.76 7.63
CA ASN B 121 -22.13 16.46 8.81
C ASN B 121 -23.58 16.91 8.61
N PRO B 122 -24.32 17.14 9.70
CA PRO B 122 -25.76 17.43 9.57
C PRO B 122 -26.13 18.52 8.57
N ALA B 123 -25.40 19.64 8.56
CA ALA B 123 -25.74 20.74 7.66
C ALA B 123 -25.66 20.30 6.20
N GLU B 124 -24.51 19.75 5.79
CA GLU B 124 -24.37 19.32 4.41
C GLU B 124 -25.27 18.11 4.12
N LYS B 125 -25.48 17.24 5.11
CA LYS B 125 -26.38 16.12 4.91
C LYS B 125 -27.80 16.60 4.61
N ALA B 126 -28.18 17.74 5.17
CA ALA B 126 -29.51 18.29 4.94
C ALA B 126 -29.58 19.20 3.72
N ALA B 127 -28.45 19.71 3.25
CA ALA B 127 -28.44 20.49 2.03
C ALA B 127 -28.31 19.63 0.76
N PHE B 128 -27.80 18.42 0.87
CA PHE B 128 -27.59 17.58 -0.30
C PHE B 128 -28.91 16.94 -0.72
N ASP B 129 -29.35 17.20 -1.95
CA ASP B 129 -30.62 16.68 -2.45
C ASP B 129 -30.41 15.29 -3.02
N TYR B 130 -30.32 14.32 -2.11
CA TYR B 130 -30.01 12.95 -2.52
C TYR B 130 -31.10 12.35 -3.40
N GLN B 131 -32.36 12.73 -3.19
CA GLN B 131 -33.42 12.17 -4.02
C GLN B 131 -33.31 12.66 -5.46
N LYS B 132 -32.98 13.95 -5.63
CA LYS B 132 -32.82 14.48 -6.98
C LYS B 132 -31.60 13.88 -7.67
N ALA B 133 -30.48 13.82 -6.96
CA ALA B 133 -29.26 13.27 -7.54
C ALA B 133 -29.45 11.79 -7.87
N LEU B 134 -30.15 11.06 -7.00
CA LEU B 134 -30.43 9.65 -7.24
C LEU B 134 -31.28 9.47 -8.50
N GLY B 135 -32.34 10.28 -8.62
CA GLY B 135 -33.19 10.18 -9.78
C GLY B 135 -32.45 10.49 -11.07
N ASN B 136 -31.64 11.55 -11.05
CA ASN B 136 -30.94 11.91 -12.28
C ASN B 136 -29.86 10.91 -12.64
N TYR B 137 -29.18 10.33 -11.64
CA TYR B 137 -28.22 9.28 -11.90
C TYR B 137 -28.90 8.07 -12.54
N GLN B 138 -30.02 7.63 -11.95
CA GLN B 138 -30.78 6.54 -12.53
C GLN B 138 -31.27 6.86 -13.94
N ALA B 139 -31.61 8.13 -14.20
CA ALA B 139 -32.07 8.51 -15.52
C ALA B 139 -30.94 8.39 -16.55
N MET B 140 -29.73 8.79 -16.17
CA MET B 140 -28.60 8.63 -17.08
C MET B 140 -28.30 7.15 -17.33
N LEU B 141 -28.44 6.32 -16.29
CA LEU B 141 -28.31 4.88 -16.51
C LEU B 141 -29.36 4.37 -17.50
N LYS B 142 -30.61 4.81 -17.34
CA LYS B 142 -31.64 4.38 -18.28
C LYS B 142 -31.35 4.87 -19.69
N ARG B 143 -30.79 6.08 -19.82
CA ARG B 143 -30.39 6.57 -21.14
C ARG B 143 -29.35 5.66 -21.78
N PHE B 144 -28.34 5.28 -21.00
CA PHE B 144 -27.35 4.32 -21.48
C PHE B 144 -28.04 3.04 -21.93
N ALA B 145 -28.94 2.51 -21.10
CA ALA B 145 -29.66 1.29 -21.44
C ALA B 145 -30.48 1.45 -22.72
N SER B 146 -31.01 2.65 -22.98
CA SER B 146 -31.83 2.90 -24.16
C SER B 146 -31.06 2.80 -25.48
N MET B 147 -29.75 2.95 -25.45
CA MET B 147 -28.96 2.92 -26.68
C MET B 147 -28.47 1.52 -27.03
N GLY B 148 -28.77 0.52 -26.20
CA GLY B 148 -28.27 -0.82 -26.38
C GLY B 148 -27.24 -1.25 -25.37
N TYR B 149 -26.68 -0.33 -24.61
CA TYR B 149 -25.65 -0.68 -23.62
C TYR B 149 -26.22 -1.59 -22.54
N ASN B 150 -25.43 -2.56 -22.11
CA ASN B 150 -25.74 -3.31 -20.91
C ASN B 150 -25.29 -2.49 -19.71
N VAL B 151 -26.24 -2.17 -18.82
CA VAL B 151 -26.01 -1.19 -17.75
C VAL B 151 -26.28 -1.80 -16.39
N PRO B 152 -25.27 -2.32 -15.68
CA PRO B 152 -25.49 -2.76 -14.30
C PRO B 152 -26.00 -1.61 -13.46
N ASP B 153 -27.06 -1.87 -12.70
CA ASP B 153 -27.75 -0.82 -11.94
C ASP B 153 -27.08 -0.69 -10.58
N LEU B 154 -26.20 0.31 -10.44
CA LEU B 154 -25.42 0.52 -9.23
C LEU B 154 -26.11 1.44 -8.23
N SER B 155 -27.31 1.93 -8.53
CA SER B 155 -28.02 2.77 -7.56
C SER B 155 -28.32 2.06 -6.23
N PRO B 156 -28.60 0.76 -6.16
CA PRO B 156 -28.79 0.13 -4.84
C PRO B 156 -27.60 0.28 -3.91
N LEU B 157 -26.41 0.56 -4.42
CA LEU B 157 -25.27 0.77 -3.54
C LEU B 157 -25.20 2.18 -2.98
N THR B 158 -25.97 3.13 -3.50
CA THR B 158 -25.97 4.46 -2.93
C THR B 158 -26.64 4.44 -1.57
N ASN B 159 -26.48 5.55 -0.83
CA ASN B 159 -26.97 5.69 0.55
C ASN B 159 -26.43 4.55 1.43
N GLU B 160 -25.14 4.28 1.30
CA GLU B 160 -24.52 3.18 2.03
C GLU B 160 -24.72 3.35 3.54
N GLN B 161 -25.12 2.26 4.18
CA GLN B 161 -25.16 2.16 5.65
C GLN B 161 -24.66 0.77 5.99
N LEU B 162 -23.35 0.66 6.21
CA LEU B 162 -22.71 -0.63 6.37
C LEU B 162 -23.30 -1.39 7.55
N ALA B 163 -23.35 -2.71 7.42
CA ALA B 163 -23.67 -3.55 8.56
C ALA B 163 -22.59 -3.39 9.64
N ALA B 164 -22.97 -3.69 10.88
CA ALA B 164 -22.04 -3.53 12.00
C ALA B 164 -20.75 -4.33 11.78
N ALA B 165 -20.85 -5.52 11.19
CA ALA B 165 -19.66 -6.32 10.93
C ALA B 165 -18.76 -5.74 9.84
N ASP B 166 -19.22 -4.76 9.07
CA ASP B 166 -18.41 -4.18 7.99
C ASP B 166 -18.04 -2.73 8.28
N GLN B 167 -17.94 -2.37 9.56
CA GLN B 167 -17.86 -0.97 9.97
C GLN B 167 -16.79 -0.18 9.22
N GLY B 168 -15.63 -0.77 9.00
CA GLY B 168 -14.67 0.05 8.31
C GLY B 168 -14.59 -0.06 6.80
N LYS B 169 -15.45 -0.86 6.17
CA LYS B 169 -15.29 -1.19 4.74
C LYS B 169 -16.14 -0.27 3.87
N ASP B 170 -15.87 1.02 3.95
CA ASP B 170 -16.64 2.02 3.22
C ASP B 170 -16.42 1.89 1.71
N PHE B 171 -17.44 2.24 0.95
CA PHE B 171 -17.33 2.25 -0.51
C PHE B 171 -16.13 3.08 -0.96
N TYR B 172 -16.01 4.31 -0.43
CA TYR B 172 -14.95 5.23 -0.80
C TYR B 172 -13.97 5.44 0.36
N PHE B 173 -12.72 5.69 0.00
CA PHE B 173 -11.74 6.25 0.93
C PHE B 173 -12.26 7.59 1.45
N ARG B 174 -11.89 7.91 2.70
CA ARG B 174 -12.43 9.11 3.34
C ARG B 174 -11.87 10.39 2.74
N GLY B 175 -10.61 10.39 2.32
CA GLY B 175 -9.97 11.60 1.82
C GLY B 175 -9.43 11.44 0.41
N ASP B 176 -10.00 10.52 -0.36
CA ASP B 176 -9.53 10.21 -1.70
C ASP B 176 -10.72 9.91 -2.60
N GLN B 177 -10.49 9.99 -3.91
CA GLN B 177 -11.54 9.84 -4.89
C GLN B 177 -11.76 8.40 -5.33
N HIS B 178 -10.85 7.49 -5.01
CA HIS B 178 -10.99 6.11 -5.46
C HIS B 178 -11.89 5.32 -4.53
N TRP B 179 -12.63 4.36 -5.08
CA TRP B 179 -13.18 3.36 -4.20
C TRP B 179 -12.09 2.59 -3.45
N THR B 180 -12.48 2.03 -2.31
CA THR B 180 -11.74 0.98 -1.64
C THR B 180 -11.97 -0.33 -2.38
N PRO B 181 -11.16 -1.36 -2.11
CA PRO B 181 -11.46 -2.67 -2.68
C PRO B 181 -12.86 -3.17 -2.35
N TYR B 182 -13.41 -2.77 -1.21
CA TYR B 182 -14.75 -3.24 -0.88
C TYR B 182 -15.79 -2.61 -1.79
N GLY B 183 -15.61 -1.33 -2.13
CA GLY B 183 -16.50 -0.70 -3.09
C GLY B 183 -16.45 -1.40 -4.44
N ALA B 184 -15.23 -1.67 -4.92
CA ALA B 184 -15.05 -2.37 -6.18
C ALA B 184 -15.74 -3.73 -6.15
N GLU B 185 -15.60 -4.48 -5.06
CA GLU B 185 -16.23 -5.79 -4.99
C GLU B 185 -17.74 -5.66 -5.07
N ARG B 186 -18.31 -4.68 -4.36
CA ARG B 186 -19.75 -4.53 -4.37
C ARG B 186 -20.25 -4.20 -5.77
N ALA B 187 -19.55 -3.31 -6.49
CA ALA B 187 -19.91 -3.05 -7.88
C ALA B 187 -19.75 -4.31 -8.75
N ALA B 188 -18.71 -5.09 -8.49
CA ALA B 188 -18.44 -6.28 -9.31
C ALA B 188 -19.57 -7.31 -9.18
N LYS B 189 -20.16 -7.44 -7.99
CA LYS B 189 -21.26 -8.39 -7.84
C LYS B 189 -22.40 -8.07 -8.81
N ILE B 190 -22.79 -6.79 -8.88
CA ILE B 190 -23.85 -6.37 -9.77
C ILE B 190 -23.43 -6.52 -11.23
N VAL B 191 -22.18 -6.16 -11.56
CA VAL B 191 -21.72 -6.31 -12.94
C VAL B 191 -21.79 -7.79 -13.36
N ALA B 192 -21.42 -8.70 -12.47
CA ALA B 192 -21.49 -10.12 -12.78
C ALA B 192 -22.93 -10.58 -12.96
N ASP B 193 -23.86 -10.03 -12.17
CA ASP B 193 -25.27 -10.34 -12.40
C ASP B 193 -25.67 -9.94 -13.82
N THR B 194 -25.28 -8.75 -14.24
CA THR B 194 -25.59 -8.29 -15.59
C THR B 194 -24.99 -9.22 -16.64
N VAL B 195 -23.74 -9.63 -16.44
CA VAL B 195 -23.05 -10.45 -17.44
C VAL B 195 -23.66 -11.84 -17.54
N HIS B 196 -24.15 -12.39 -16.41
CA HIS B 196 -24.71 -13.73 -16.46
C HIS B 196 -26.02 -13.76 -17.23
N LYS B 197 -26.80 -12.69 -17.18
CA LYS B 197 -28.03 -12.60 -17.96
C LYS B 197 -27.79 -12.24 -19.42
N MET B 198 -26.52 -12.08 -19.83
CA MET B 198 -26.25 -11.62 -21.20
C MET B 198 -26.10 -12.82 -22.14
N PRO B 199 -26.79 -12.81 -23.28
CA PRO B 199 -26.60 -13.89 -24.26
C PRO B 199 -25.17 -14.04 -24.71
N ALA B 200 -24.40 -12.94 -24.79
CA ALA B 200 -23.01 -13.03 -25.19
C ALA B 200 -22.18 -13.86 -24.22
N PHE B 201 -22.62 -13.99 -22.97
CA PHE B 201 -21.85 -14.78 -22.02
C PHE B 201 -21.90 -16.27 -22.34
N GLU B 202 -22.89 -16.71 -23.12
CA GLU B 202 -22.88 -18.08 -23.60
C GLU B 202 -21.67 -18.32 -24.48
N GLY B 203 -21.13 -19.54 -24.41
CA GLY B 203 -19.93 -19.87 -25.15
C GLY B 203 -18.63 -19.42 -24.52
N ILE B 204 -18.69 -18.55 -23.51
CA ILE B 204 -17.49 -18.07 -22.81
C ILE B 204 -17.07 -19.14 -21.80
N PRO B 205 -15.83 -19.65 -21.89
CA PRO B 205 -15.41 -20.70 -20.96
C PRO B 205 -15.47 -20.26 -19.50
N ARG B 206 -15.86 -21.19 -18.63
CA ARG B 206 -16.03 -20.91 -17.21
C ARG B 206 -14.80 -21.34 -16.44
N LYS B 207 -14.55 -20.64 -15.33
CA LYS B 207 -13.34 -20.83 -14.55
C LYS B 207 -13.63 -20.42 -13.11
N GLU B 208 -13.12 -21.19 -12.17
CA GLU B 208 -13.29 -20.86 -10.76
C GLU B 208 -12.10 -20.04 -10.30
N PHE B 209 -12.34 -19.20 -9.30
CA PHE B 209 -11.29 -18.34 -8.76
C PHE B 209 -11.40 -18.30 -7.25
N GLU B 210 -10.30 -17.89 -6.62
CA GLU B 210 -10.24 -17.70 -5.17
C GLU B 210 -9.64 -16.34 -4.89
N THR B 211 -10.31 -15.56 -4.04
CA THR B 211 -9.88 -14.21 -3.73
C THR B 211 -9.60 -14.13 -2.24
N ARG B 212 -8.40 -13.67 -1.90
CA ARG B 212 -7.96 -13.62 -0.51
C ARG B 212 -7.32 -12.27 -0.21
N LYS B 213 -7.45 -11.84 1.06
CA LYS B 213 -6.62 -10.76 1.56
C LYS B 213 -5.15 -11.09 1.37
N SER B 214 -4.42 -10.16 0.75
CA SER B 214 -3.03 -10.41 0.40
C SER B 214 -2.05 -9.43 1.04
N GLY B 215 -2.53 -8.39 1.69
CA GLY B 215 -1.66 -7.35 2.20
C GLY B 215 -2.46 -6.11 2.52
N ARG B 216 -1.73 -5.05 2.85
CA ARG B 216 -2.33 -3.84 3.36
C ARG B 216 -1.73 -2.65 2.62
N MET B 217 -2.56 -1.65 2.34
CA MET B 217 -2.13 -0.43 1.70
C MET B 217 -2.45 0.77 2.57
N GLY B 218 -1.70 1.83 2.36
CA GLY B 218 -1.91 3.07 3.06
C GLY B 218 -2.13 4.18 2.06
N LYS B 219 -3.27 4.83 2.14
CA LYS B 219 -3.67 5.82 1.17
C LYS B 219 -3.50 7.20 1.80
N THR B 220 -2.62 8.01 1.20
CA THR B 220 -2.61 9.44 1.45
C THR B 220 -3.52 10.06 0.40
N GLY B 221 -4.74 10.42 0.80
CA GLY B 221 -5.75 10.79 -0.18
C GLY B 221 -5.47 12.12 -0.83
N THR B 222 -5.97 12.27 -2.07
CA THR B 222 -5.80 13.53 -2.79
C THR B 222 -6.54 14.67 -2.10
N LEU B 223 -7.76 14.41 -1.61
CA LEU B 223 -8.52 15.44 -0.92
C LEU B 223 -7.80 15.89 0.33
N HIS B 224 -7.21 14.94 1.06
CA HIS B 224 -6.45 15.29 2.25
C HIS B 224 -5.22 16.12 1.89
N ASN B 225 -4.54 15.78 0.80
CA ASN B 225 -3.37 16.55 0.40
C ASN B 225 -3.74 17.99 0.05
N VAL B 226 -4.77 18.17 -0.78
CA VAL B 226 -5.20 19.51 -1.16
C VAL B 226 -5.64 20.29 0.07
N ALA B 227 -6.45 19.66 0.93
CA ALA B 227 -6.81 20.28 2.20
C ALA B 227 -5.58 20.68 3.00
N GLY B 228 -4.61 19.77 3.08
CA GLY B 228 -3.44 20.01 3.89
C GLY B 228 -2.63 21.19 3.41
N GLN B 229 -2.52 21.36 2.09
CA GLN B 229 -1.71 22.51 1.68
C GLN B 229 -2.53 23.80 1.71
N LEU B 230 -3.86 23.70 1.63
CA LEU B 230 -4.68 24.90 1.82
C LEU B 230 -4.68 25.37 3.27
N CYS B 231 -4.58 24.47 4.23
CA CYS B 231 -4.68 24.83 5.64
C CYS B 231 -3.38 24.64 6.41
N GLY B 232 -2.28 24.33 5.74
CA GLY B 232 -1.03 24.10 6.44
C GLY B 232 -1.08 22.96 7.42
N THR B 233 -1.99 22.01 7.24
CA THR B 233 -2.20 20.92 8.18
C THR B 233 -1.73 19.59 7.58
N SER B 234 -2.11 18.50 8.24
CA SER B 234 -1.56 17.19 8.00
C SER B 234 -2.62 16.14 8.34
N TYR B 235 -2.73 15.11 7.51
CA TYR B 235 -3.73 14.07 7.72
C TYR B 235 -3.08 12.71 7.95
N ALA B 236 -3.77 11.86 8.68
CA ALA B 236 -3.29 10.50 8.89
C ALA B 236 -3.47 9.67 7.62
N VAL B 237 -2.55 8.73 7.43
CA VAL B 237 -2.69 7.75 6.35
C VAL B 237 -3.83 6.81 6.68
N GLN B 238 -4.73 6.58 5.71
CA GLN B 238 -5.83 5.63 5.89
C GLN B 238 -5.39 4.26 5.38
N TYR B 239 -5.37 3.27 6.26
CA TYR B 239 -4.94 1.94 5.89
C TYR B 239 -6.13 1.11 5.41
N MET B 240 -5.85 0.18 4.49
CA MET B 240 -6.90 -0.56 3.82
C MET B 240 -6.38 -1.92 3.38
N ASP B 241 -7.24 -2.93 3.45
CA ASP B 241 -6.91 -4.25 2.93
C ASP B 241 -6.82 -4.23 1.40
N GLN B 242 -5.69 -4.68 0.89
CA GLN B 242 -5.48 -5.35 -0.40
C GLN B 242 -5.89 -6.81 -0.53
N PHE B 243 -6.36 -7.13 -1.74
CA PHE B 243 -6.86 -8.45 -2.11
C PHE B 243 -6.26 -8.91 -3.42
N ALA B 244 -6.21 -10.23 -3.58
CA ALA B 244 -5.66 -10.86 -4.77
C ALA B 244 -6.54 -12.02 -5.18
N THR B 245 -6.66 -12.23 -6.49
CA THR B 245 -7.51 -13.27 -7.06
C THR B 245 -6.66 -14.20 -7.90
N GLU B 246 -6.67 -15.49 -7.53
CA GLU B 246 -5.92 -16.56 -8.17
C GLU B 246 -6.86 -17.58 -8.78
N PRO B 247 -6.42 -18.32 -9.82
CA PRO B 247 -7.36 -19.13 -10.60
C PRO B 247 -7.77 -20.46 -9.97
N LYS B 248 -7.36 -20.77 -8.75
CA LYS B 248 -7.71 -22.05 -8.12
C LYS B 248 -7.26 -23.27 -8.93
N LEU B 256 -5.35 -31.64 -14.95
CA LEU B 256 -4.52 -31.98 -16.09
C LEU B 256 -4.48 -30.84 -17.10
N PHE B 257 -5.45 -30.85 -18.01
CA PHE B 257 -5.66 -29.75 -18.95
C PHE B 257 -6.63 -28.73 -18.35
N GLY B 258 -6.19 -28.13 -17.25
CA GLY B 258 -7.00 -27.16 -16.53
C GLY B 258 -6.55 -25.73 -16.76
N ASP B 259 -5.46 -25.56 -17.51
CA ASP B 259 -5.04 -24.23 -17.93
C ASP B 259 -6.05 -23.64 -18.91
N SER B 260 -6.06 -22.32 -19.01
CA SER B 260 -7.10 -21.61 -19.73
C SER B 260 -6.58 -21.00 -21.01
N GLY B 261 -7.49 -20.81 -21.96
CA GLY B 261 -7.22 -20.07 -23.19
C GLY B 261 -7.29 -18.58 -22.97
N ASN B 262 -7.58 -17.86 -24.04
CA ASN B 262 -7.60 -16.41 -24.00
C ASN B 262 -8.89 -15.88 -23.39
N ALA B 263 -8.78 -14.77 -22.69
CA ALA B 263 -9.96 -14.12 -22.18
C ALA B 263 -10.89 -13.75 -23.33
N GLN B 264 -12.19 -13.82 -23.07
CA GLN B 264 -13.17 -13.31 -24.01
C GLN B 264 -13.89 -12.09 -23.46
N ILE B 265 -13.55 -11.66 -22.24
CA ILE B 265 -14.06 -10.45 -21.65
C ILE B 265 -12.88 -9.52 -21.39
N THR B 266 -13.01 -8.25 -21.76
CA THR B 266 -11.96 -7.27 -21.55
C THR B 266 -12.49 -6.13 -20.71
N LEU B 267 -11.68 -5.66 -19.77
CA LEU B 267 -12.01 -4.51 -18.92
C LEU B 267 -11.16 -3.33 -19.35
N VAL B 268 -11.82 -2.26 -19.77
CA VAL B 268 -11.21 -0.99 -20.10
C VAL B 268 -11.57 -0.02 -19.00
N GLY B 269 -10.59 0.74 -18.51
CA GLY B 269 -10.88 1.65 -17.42
C GLY B 269 -9.73 2.53 -17.01
N THR B 270 -9.87 3.11 -15.82
CA THR B 270 -9.01 4.12 -15.26
C THR B 270 -8.16 3.54 -14.14
N SER B 271 -7.64 4.42 -13.28
CA SER B 271 -6.96 3.96 -12.07
C SER B 271 -7.91 3.17 -11.17
N HIS B 272 -9.21 3.45 -11.24
CA HIS B 272 -10.16 2.69 -10.42
C HIS B 272 -10.10 1.19 -10.72
N SER B 273 -9.64 0.79 -11.90
CA SER B 273 -9.58 -0.61 -12.26
C SER B 273 -8.17 -1.17 -12.15
N GLY B 274 -7.23 -0.41 -11.57
CA GLY B 274 -5.87 -0.85 -11.46
C GLY B 274 -5.69 -1.93 -10.40
N LYS B 275 -4.42 -2.33 -10.22
CA LYS B 275 -4.13 -3.43 -9.29
C LYS B 275 -4.49 -3.08 -7.85
N ASN B 276 -4.48 -1.79 -7.51
CA ASN B 276 -4.66 -1.36 -6.12
C ASN B 276 -5.98 -1.85 -5.53
N TYR B 277 -7.03 -1.96 -6.33
CA TYR B 277 -8.35 -2.23 -5.78
C TYR B 277 -8.95 -3.53 -6.29
N ASN B 278 -8.27 -4.25 -7.18
CA ASN B 278 -8.64 -5.60 -7.58
C ASN B 278 -10.00 -5.68 -8.25
N PHE B 279 -10.45 -4.60 -8.91
CA PHE B 279 -11.74 -4.65 -9.60
C PHE B 279 -11.82 -5.82 -10.58
N SER B 280 -10.77 -6.03 -11.38
CA SER B 280 -10.83 -7.14 -12.34
C SER B 280 -10.71 -8.48 -11.63
N GLY B 281 -10.04 -8.53 -10.48
CA GLY B 281 -10.04 -9.75 -9.70
C GLY B 281 -11.43 -10.12 -9.24
N PHE B 282 -12.17 -9.15 -8.70
CA PHE B 282 -13.53 -9.41 -8.24
C PHE B 282 -14.44 -9.78 -9.42
N LEU B 283 -14.25 -9.12 -10.56
CA LEU B 283 -15.03 -9.48 -11.74
C LEU B 283 -14.78 -10.93 -12.14
N GLU B 284 -13.51 -11.35 -12.20
CA GLU B 284 -13.24 -12.76 -12.49
C GLU B 284 -13.91 -13.66 -11.46
N GLN B 285 -13.84 -13.28 -10.19
CA GLN B 285 -14.38 -14.12 -9.12
C GLN B 285 -15.89 -14.31 -9.26
N TYR B 286 -16.62 -13.25 -9.61
CA TYR B 286 -18.07 -13.34 -9.60
C TYR B 286 -18.66 -13.64 -10.97
N ILE B 287 -18.00 -13.26 -12.06
CA ILE B 287 -18.41 -13.71 -13.38
C ILE B 287 -18.11 -15.19 -13.56
N GLY B 288 -16.93 -15.62 -13.14
CA GLY B 288 -16.53 -17.00 -13.30
C GLY B 288 -15.89 -17.24 -14.65
N ALA B 289 -15.02 -16.32 -15.05
CA ALA B 289 -14.41 -16.35 -16.37
C ALA B 289 -13.19 -15.44 -16.36
N ASP B 290 -12.30 -15.66 -17.31
CA ASP B 290 -11.11 -14.83 -17.44
C ASP B 290 -11.49 -13.41 -17.87
N VAL B 291 -10.74 -12.44 -17.38
CA VAL B 291 -10.94 -11.04 -17.73
C VAL B 291 -9.58 -10.44 -18.07
N LEU B 292 -9.43 -9.96 -19.29
CA LEU B 292 -8.22 -9.25 -19.69
C LEU B 292 -8.33 -7.80 -19.21
N ASN B 293 -7.41 -7.38 -18.34
CA ASN B 293 -7.42 -6.03 -17.77
C ASN B 293 -6.47 -5.14 -18.54
N VAL B 294 -6.99 -4.10 -19.18
CA VAL B 294 -6.17 -3.18 -19.93
C VAL B 294 -6.33 -1.74 -19.43
N ALA B 295 -6.90 -1.57 -18.24
CA ALA B 295 -6.95 -0.24 -17.65
C ALA B 295 -5.55 0.23 -17.27
N PHE B 296 -5.41 1.54 -17.05
CA PHE B 296 -4.20 2.06 -16.44
C PHE B 296 -4.47 3.45 -15.91
N PRO B 297 -3.82 3.84 -14.81
CA PRO B 297 -4.08 5.17 -14.23
C PRO B 297 -3.68 6.25 -15.22
N GLY B 298 -4.40 7.38 -15.14
CA GLY B 298 -4.19 8.46 -16.06
C GLY B 298 -4.85 8.30 -17.41
N GLY B 299 -5.45 7.14 -17.69
CA GLY B 299 -6.11 6.94 -18.97
C GLY B 299 -7.38 7.77 -19.13
N GLY B 300 -8.03 8.11 -18.02
CA GLY B 300 -9.23 8.91 -18.13
C GLY B 300 -10.34 8.16 -18.84
N LEU B 301 -11.19 8.94 -19.53
CA LEU B 301 -12.31 8.33 -20.23
C LEU B 301 -11.87 7.47 -21.40
N GLU B 302 -10.78 7.84 -22.06
CA GLU B 302 -10.48 7.30 -23.39
C GLU B 302 -9.07 6.74 -23.58
N GLY B 303 -8.14 6.98 -22.65
CA GLY B 303 -6.77 6.54 -22.90
C GLY B 303 -6.64 5.03 -23.00
N SER B 304 -7.12 4.33 -21.98
CA SER B 304 -7.12 2.87 -22.02
C SER B 304 -7.83 2.34 -23.25
N MET B 305 -9.01 2.90 -23.57
CA MET B 305 -9.78 2.46 -24.73
C MET B 305 -9.03 2.69 -26.02
N ILE B 306 -8.47 3.90 -26.20
CA ILE B 306 -7.78 4.19 -27.45
C ILE B 306 -6.57 3.27 -27.62
N GLN B 307 -5.80 3.07 -26.56
CA GLN B 307 -4.62 2.21 -26.67
C GLN B 307 -5.01 0.77 -26.97
N TYR B 308 -6.13 0.30 -26.40
CA TYR B 308 -6.53 -1.08 -26.65
C TYR B 308 -7.10 -1.26 -28.05
N LEU B 309 -7.90 -0.30 -28.53
CA LEU B 309 -8.52 -0.44 -29.84
C LEU B 309 -7.47 -0.47 -30.94
N GLY B 310 -6.39 0.31 -30.79
CA GLY B 310 -5.31 0.24 -31.73
C GLY B 310 -4.48 -1.04 -31.63
N SER B 311 -4.64 -1.78 -30.54
CA SER B 311 -3.81 -2.96 -30.33
C SER B 311 -4.20 -4.07 -31.29
N GLU B 312 -3.25 -4.98 -31.50
CA GLU B 312 -3.54 -6.15 -32.32
C GLU B 312 -4.23 -7.25 -31.53
N GLU B 313 -4.16 -7.22 -30.19
CA GLU B 313 -4.98 -8.12 -29.41
C GLU B 313 -6.45 -7.92 -29.74
N PHE B 314 -6.91 -6.66 -29.76
CA PHE B 314 -8.30 -6.40 -30.07
C PHE B 314 -8.66 -6.78 -31.50
N GLN B 315 -7.73 -6.60 -32.44
CA GLN B 315 -8.05 -6.87 -33.84
C GLN B 315 -7.91 -8.35 -34.21
N LYS B 316 -7.19 -9.13 -33.41
CA LYS B 316 -7.06 -10.57 -33.63
C LYS B 316 -7.88 -11.40 -32.65
N ASN B 317 -8.18 -10.88 -31.48
CA ASN B 317 -9.04 -11.54 -30.50
C ASN B 317 -9.97 -10.49 -29.91
N PRO B 318 -10.92 -9.99 -30.70
CA PRO B 318 -11.91 -9.06 -30.17
C PRO B 318 -12.79 -9.76 -29.16
N PRO B 319 -13.12 -9.10 -28.06
CA PRO B 319 -13.88 -9.76 -26.99
C PRO B 319 -15.37 -9.82 -27.29
N LYS B 320 -16.01 -10.86 -26.74
CA LYS B 320 -17.47 -10.89 -26.78
C LYS B 320 -18.06 -9.81 -25.88
N ILE B 321 -17.40 -9.53 -24.75
CA ILE B 321 -17.92 -8.58 -23.78
C ILE B 321 -16.78 -7.64 -23.37
N LEU B 322 -17.01 -6.34 -23.52
CA LEU B 322 -16.10 -5.30 -23.08
C LEU B 322 -16.78 -4.50 -21.98
N ILE B 323 -16.18 -4.52 -20.79
CA ILE B 323 -16.66 -3.77 -19.63
C ILE B 323 -15.87 -2.46 -19.58
N TRP B 324 -16.57 -1.34 -19.66
CA TRP B 324 -15.97 -0.01 -19.73
C TRP B 324 -16.30 0.75 -18.45
N GLU B 325 -15.27 1.13 -17.69
CA GLU B 325 -15.38 1.77 -16.38
C GLU B 325 -15.05 3.26 -16.42
N PHE B 326 -16.03 4.10 -16.09
CA PHE B 326 -15.77 5.52 -15.91
C PHE B 326 -16.79 6.10 -14.94
N SER B 327 -16.89 7.42 -14.90
CA SER B 327 -17.63 8.12 -13.84
C SER B 327 -18.21 9.39 -14.42
N PRO B 328 -19.11 10.06 -13.69
CA PRO B 328 -19.66 11.33 -14.18
C PRO B 328 -18.65 12.46 -14.26
N LEU B 329 -17.39 12.20 -13.91
CA LEU B 329 -16.39 13.25 -13.88
C LEU B 329 -16.00 13.71 -15.28
N TYR B 330 -16.18 12.86 -16.28
CA TYR B 330 -15.70 13.12 -17.64
C TYR B 330 -16.80 13.66 -18.52
N ARG B 331 -16.53 14.76 -19.20
CA ARG B 331 -17.45 15.25 -20.20
C ARG B 331 -17.60 14.21 -21.30
N LEU B 332 -18.86 13.87 -21.60
CA LEU B 332 -19.19 12.92 -22.67
C LEU B 332 -19.59 13.63 -23.96
N ASP B 333 -18.87 14.67 -24.36
CA ASP B 333 -19.20 15.35 -25.61
C ASP B 333 -17.96 15.93 -26.28
N GLN B 334 -16.80 15.32 -26.04
CA GLN B 334 -15.56 15.75 -26.67
C GLN B 334 -15.48 15.12 -28.05
N GLU B 335 -15.51 15.95 -29.09
CA GLU B 335 -15.54 15.40 -30.43
C GLU B 335 -14.21 14.76 -30.82
N THR B 336 -13.09 15.29 -30.31
CA THR B 336 -11.80 14.70 -30.67
C THR B 336 -11.60 13.32 -30.06
N ILE B 337 -12.30 12.99 -28.97
CA ILE B 337 -12.23 11.65 -28.41
C ILE B 337 -12.98 10.67 -29.31
N TRP B 338 -14.20 11.04 -29.70
CA TRP B 338 -15.01 10.07 -30.42
C TRP B 338 -14.62 9.95 -31.88
N ARG B 339 -14.06 11.00 -32.48
CA ARG B 339 -13.53 10.83 -33.82
C ARG B 339 -12.41 9.78 -33.82
N GLN B 340 -11.60 9.76 -32.77
CA GLN B 340 -10.55 8.75 -32.64
C GLN B 340 -11.12 7.37 -32.39
N ILE B 341 -12.02 7.24 -31.41
CA ILE B 341 -12.59 5.93 -31.10
C ILE B 341 -13.29 5.34 -32.32
N LEU B 342 -14.01 6.19 -33.08
CA LEU B 342 -14.74 5.69 -34.24
C LEU B 342 -13.81 5.34 -35.39
N GLY B 343 -12.75 6.14 -35.60
CA GLY B 343 -11.76 5.74 -36.58
C GLY B 343 -11.13 4.40 -36.24
N LEU B 344 -10.83 4.20 -34.96
CA LEU B 344 -10.21 2.94 -34.55
C LEU B 344 -11.18 1.77 -34.69
N LEU B 345 -12.46 1.99 -34.40
CA LEU B 345 -13.46 0.94 -34.56
C LEU B 345 -13.61 0.52 -36.02
N ASP B 346 -13.21 1.38 -36.97
CA ASP B 346 -13.16 1.04 -38.37
C ASP B 346 -11.76 0.60 -38.81
N ASP B 347 -10.86 0.33 -37.86
CA ASP B 347 -9.52 -0.18 -38.17
C ASP B 347 -8.67 0.83 -38.95
N GLY B 348 -8.91 2.12 -38.73
CA GLY B 348 -8.02 3.13 -39.30
C GLY B 348 -7.96 3.06 -40.81
N CYS B 349 -6.74 2.92 -41.35
CA CYS B 349 -6.50 2.93 -42.79
C CYS B 349 -5.83 1.67 -43.32
N ASP B 350 -5.64 0.64 -42.50
CA ASP B 350 -4.95 -0.54 -43.02
C ASP B 350 -5.94 -1.48 -43.70
N ASP B 351 -5.37 -2.49 -44.38
CA ASP B 351 -6.06 -3.29 -45.39
C ASP B 351 -6.97 -2.41 -46.22
N ARG B 352 -6.40 -1.38 -46.86
CA ARG B 352 -7.29 -0.46 -47.54
C ARG B 352 -6.47 0.35 -48.53
N PRO B 353 -7.01 0.64 -49.71
CA PRO B 353 -6.30 1.52 -50.65
C PRO B 353 -6.13 2.90 -50.04
N ALA B 354 -4.93 3.45 -50.17
CA ALA B 354 -4.67 4.80 -49.73
C ALA B 354 -5.15 5.80 -50.77
N LEU B 355 -5.73 6.91 -50.30
CA LEU B 355 -6.03 8.01 -51.20
C LEU B 355 -4.82 8.89 -51.39
N MET B 356 -4.13 9.22 -50.29
CA MET B 356 -2.85 9.86 -50.31
C MET B 356 -2.01 9.26 -49.20
N SER B 357 -0.69 9.33 -49.35
CA SER B 357 0.21 8.76 -48.37
C SER B 357 1.45 9.64 -48.26
N ALA B 358 2.10 9.56 -47.09
CA ALA B 358 3.31 10.29 -46.81
C ALA B 358 4.24 9.43 -45.98
N SER B 359 5.53 9.43 -46.33
CA SER B 359 6.60 8.76 -45.57
C SER B 359 7.72 9.78 -45.42
N THR B 360 7.72 10.52 -44.31
CA THR B 360 8.49 11.76 -44.25
C THR B 360 9.27 11.84 -42.95
N THR B 361 10.31 12.67 -42.96
CA THR B 361 11.06 13.01 -41.77
C THR B 361 10.67 14.44 -41.39
N LEU B 362 9.86 14.57 -40.34
CA LEU B 362 9.50 15.88 -39.82
C LEU B 362 10.73 16.60 -39.29
N LYS B 363 10.81 17.89 -39.58
CA LYS B 363 11.77 18.86 -39.07
C LYS B 363 11.02 19.92 -38.26
N PRO B 364 11.72 20.67 -37.41
CA PRO B 364 11.04 21.69 -36.61
C PRO B 364 10.31 22.69 -37.50
N GLY B 365 9.11 23.07 -37.07
CA GLY B 365 8.27 23.97 -37.86
C GLY B 365 7.13 23.26 -38.53
N LYS B 366 6.62 23.82 -39.62
CA LYS B 366 5.52 23.21 -40.36
C LYS B 366 6.08 22.23 -41.39
N ASN B 367 5.39 21.11 -41.55
CA ASN B 367 5.77 20.05 -42.48
C ASN B 367 4.55 19.66 -43.29
N GLU B 368 4.61 19.88 -44.60
CA GLU B 368 3.48 19.61 -45.50
C GLU B 368 3.57 18.15 -45.94
N LEU B 369 2.73 17.29 -45.38
CA LEU B 369 2.83 15.88 -45.78
C LEU B 369 2.11 15.62 -47.09
N MET B 370 0.88 16.10 -47.24
CA MET B 370 0.17 15.70 -48.45
C MET B 370 -0.63 16.86 -49.03
N VAL B 371 -0.65 16.91 -50.36
CA VAL B 371 -1.30 17.98 -51.13
C VAL B 371 -2.14 17.32 -52.21
N ASN B 372 -3.43 17.60 -52.20
CA ASN B 372 -4.33 17.03 -53.21
C ASN B 372 -4.27 17.81 -54.53
N ILE B 378 -7.92 17.98 -57.37
CA ILE B 378 -8.19 16.85 -58.25
C ILE B 378 -9.34 16.01 -57.70
N LYS B 379 -9.01 14.90 -57.04
CA LYS B 379 -10.02 14.01 -56.50
C LYS B 379 -10.90 14.72 -55.48
N ASP B 380 -12.17 14.33 -55.42
CA ASP B 380 -13.17 14.99 -54.58
C ASP B 380 -13.22 14.24 -53.25
N LEU B 381 -12.36 14.66 -52.32
CA LEU B 381 -12.18 13.99 -51.04
C LEU B 381 -13.12 14.63 -50.03
N ILE B 382 -14.21 13.95 -49.72
CA ILE B 382 -15.30 14.55 -48.98
C ILE B 382 -15.13 14.18 -47.51
N ASN B 383 -14.99 15.18 -46.63
CA ASN B 383 -14.70 14.95 -45.22
C ASN B 383 -15.48 13.78 -44.63
N ARG B 384 -16.78 13.72 -44.91
CA ARG B 384 -17.61 12.71 -44.30
C ARG B 384 -17.24 11.28 -44.72
N ASN B 385 -16.37 11.10 -45.73
CA ASN B 385 -16.02 9.76 -46.14
C ASN B 385 -14.57 9.42 -45.83
N LEU B 386 -13.89 10.17 -44.96
CA LEU B 386 -12.45 10.04 -44.85
C LEU B 386 -12.00 9.79 -43.42
N GLN B 387 -10.80 9.22 -43.31
CA GLN B 387 -10.09 8.99 -42.05
C GLN B 387 -8.61 9.14 -42.29
N MET B 388 -7.90 9.55 -41.25
CA MET B 388 -6.45 9.67 -41.26
C MET B 388 -5.85 8.68 -40.29
N ASP B 389 -4.74 8.07 -40.72
CA ASP B 389 -3.99 7.11 -39.92
C ASP B 389 -2.52 7.54 -39.92
N VAL B 390 -1.98 7.87 -38.75
CA VAL B 390 -0.65 8.44 -38.64
C VAL B 390 0.14 7.64 -37.62
N LYS B 391 1.22 7.00 -38.06
CA LYS B 391 2.10 6.29 -37.13
C LYS B 391 3.49 6.90 -37.16
N PHE B 392 4.02 7.23 -35.98
CA PHE B 392 5.42 7.62 -35.83
C PHE B 392 6.27 6.38 -35.63
N GLU B 393 7.46 6.39 -36.21
CA GLU B 393 8.40 5.31 -35.98
C GLU B 393 8.74 5.20 -34.50
N ASP B 394 8.85 6.33 -33.82
CA ASP B 394 9.19 6.40 -32.41
C ASP B 394 7.94 6.23 -31.55
N PRO B 395 7.83 5.14 -30.81
CA PRO B 395 6.61 4.90 -30.02
C PRO B 395 6.43 5.87 -28.86
N SER B 396 7.41 6.71 -28.57
CA SER B 396 7.31 7.65 -27.45
C SER B 396 6.62 8.96 -27.83
N VAL B 397 6.26 9.15 -29.09
CA VAL B 397 5.51 10.34 -29.51
C VAL B 397 4.12 10.29 -28.88
N LYS B 398 3.79 11.33 -28.10
CA LYS B 398 2.54 11.41 -27.38
C LYS B 398 1.58 12.47 -27.91
N VAL B 399 2.06 13.40 -28.72
CA VAL B 399 1.26 14.52 -29.20
C VAL B 399 1.31 14.56 -30.72
N LEU B 400 0.15 14.71 -31.34
CA LEU B 400 0.06 15.04 -32.77
C LEU B 400 -0.58 16.40 -32.91
N GLN B 401 0.18 17.36 -33.42
CA GLN B 401 -0.32 18.71 -33.65
C GLN B 401 -0.26 18.95 -35.15
N ALA B 402 -1.42 19.14 -35.77
CA ALA B 402 -1.47 19.11 -37.22
C ALA B 402 -2.59 20.01 -37.73
N THR B 403 -2.60 20.20 -39.05
CA THR B 403 -3.56 21.10 -39.68
C THR B 403 -4.09 20.47 -40.96
N LEU B 404 -5.41 20.42 -41.07
CA LEU B 404 -6.12 19.94 -42.25
C LEU B 404 -6.60 21.16 -43.03
N TRP B 405 -6.11 21.32 -44.25
CA TRP B 405 -6.38 22.49 -45.08
C TRP B 405 -7.45 22.17 -46.11
N TYR B 406 -8.48 23.03 -46.18
CA TYR B 406 -9.60 22.91 -47.10
C TYR B 406 -9.62 24.12 -48.04
N LEU B 407 -10.73 24.24 -48.77
CA LEU B 407 -10.85 25.25 -49.81
C LEU B 407 -10.79 26.66 -49.25
N ASN B 408 -9.98 27.51 -49.89
CA ASN B 408 -9.93 28.94 -49.62
C ASN B 408 -9.43 29.24 -48.20
N GLY B 409 -8.49 28.43 -47.73
CA GLY B 409 -7.81 28.70 -46.47
C GLY B 409 -8.54 28.23 -45.23
N ARG B 410 -9.78 27.77 -45.35
CA ARG B 410 -10.47 27.14 -44.23
C ARG B 410 -9.64 25.97 -43.72
N HIS B 411 -9.35 25.96 -42.42
CA HIS B 411 -8.48 24.93 -41.87
C HIS B 411 -9.00 24.47 -40.52
N GLU B 412 -8.71 23.21 -40.21
CA GLU B 412 -8.91 22.64 -38.89
C GLU B 412 -7.56 22.38 -38.24
N ASP B 413 -7.32 22.99 -37.08
CA ASP B 413 -6.14 22.72 -36.27
C ASP B 413 -6.48 21.61 -35.27
N ILE B 414 -5.73 20.52 -35.29
CA ILE B 414 -5.99 19.40 -34.41
C ILE B 414 -4.81 19.20 -33.46
N LYS B 415 -5.12 18.78 -32.24
CA LYS B 415 -4.11 18.43 -31.24
C LYS B 415 -4.58 17.20 -30.47
N LEU B 416 -3.96 16.06 -30.72
CA LEU B 416 -4.30 14.81 -30.06
C LEU B 416 -3.19 14.42 -29.10
N GLU B 417 -3.54 14.12 -27.85
CA GLU B 417 -2.53 13.94 -26.80
C GLU B 417 -2.71 12.57 -26.18
N LYS B 418 -1.64 11.80 -26.11
CA LYS B 418 -1.77 10.51 -25.46
C LYS B 418 -1.43 10.62 -23.98
N PRO B 419 -2.00 9.77 -23.12
CA PRO B 419 -1.64 9.82 -21.70
C PRO B 419 -0.15 9.56 -21.50
N GLU B 420 0.42 10.23 -20.49
CA GLU B 420 1.84 10.09 -20.18
C GLU B 420 2.10 9.12 -19.03
N THR B 421 1.23 8.14 -18.85
CA THR B 421 1.28 7.24 -17.70
C THR B 421 1.32 5.77 -18.12
N SER B 422 1.60 5.49 -19.39
CA SER B 422 1.54 4.15 -19.96
C SER B 422 2.31 4.15 -21.28
N ASP B 423 2.89 3.00 -21.62
CA ASP B 423 3.55 2.86 -22.92
C ASP B 423 2.50 2.78 -24.03
N THR B 424 2.53 3.76 -24.94
CA THR B 424 1.50 3.89 -25.98
C THR B 424 2.12 3.67 -27.36
N ASP B 425 1.26 3.62 -28.37
CA ASP B 425 1.66 3.06 -29.66
C ASP B 425 2.16 4.09 -30.68
N GLY B 426 2.29 5.37 -30.30
CA GLY B 426 2.73 6.38 -31.26
C GLY B 426 1.84 6.50 -32.48
N ARG B 427 0.56 6.16 -32.36
CA ARG B 427 -0.35 6.08 -33.50
C ARG B 427 -1.59 6.92 -33.22
N PHE B 428 -2.01 7.69 -34.21
CA PHE B 428 -3.13 8.62 -34.11
C PHE B 428 -4.08 8.37 -35.27
N VAL B 429 -5.35 8.10 -34.95
CA VAL B 429 -6.36 7.73 -35.94
C VAL B 429 -7.58 8.61 -35.75
N PHE B 430 -8.05 9.25 -36.81
CA PHE B 430 -9.19 10.14 -36.62
C PHE B 430 -10.01 10.32 -37.90
N GLN B 431 -11.32 10.33 -37.73
CA GLN B 431 -12.23 10.71 -38.80
C GLN B 431 -12.17 12.21 -39.04
N MET B 432 -12.40 12.60 -40.30
CA MET B 432 -12.54 14.02 -40.60
C MET B 432 -13.76 14.58 -39.89
N ARG B 433 -13.84 15.90 -39.85
CA ARG B 433 -14.89 16.55 -39.06
C ARG B 433 -16.21 16.47 -39.81
N GLU B 434 -17.31 16.27 -39.08
CA GLU B 434 -18.62 16.15 -39.73
C GLU B 434 -19.70 17.07 -39.14
N ASP B 435 -19.39 17.83 -38.10
CA ASP B 435 -20.39 18.76 -37.58
C ASP B 435 -20.52 19.99 -38.49
N GLU B 436 -21.61 20.73 -38.29
CA GLU B 436 -21.96 21.93 -39.08
C GLU B 436 -21.82 21.60 -40.56
N ASP B 437 -21.21 22.45 -41.37
CA ASP B 437 -21.01 22.25 -42.79
C ASP B 437 -19.75 21.46 -43.12
N TRP B 438 -18.97 21.09 -42.09
CA TRP B 438 -17.66 20.50 -42.33
C TRP B 438 -17.74 19.20 -43.11
N ALA B 439 -18.84 18.45 -42.95
CA ALA B 439 -18.93 17.11 -43.53
C ALA B 439 -18.80 17.12 -45.04
N SER B 440 -19.06 18.25 -45.68
CA SER B 440 -19.05 18.36 -47.13
C SER B 440 -17.80 19.01 -47.69
N GLN B 441 -16.99 19.65 -46.84
CA GLN B 441 -15.80 20.35 -47.33
C GLN B 441 -14.81 19.36 -47.94
N ARG B 442 -14.10 19.81 -48.97
CA ARG B 442 -13.18 18.98 -49.73
C ARG B 442 -11.76 19.20 -49.22
N LEU B 443 -11.03 18.11 -49.00
CA LEU B 443 -9.72 18.19 -48.37
C LEU B 443 -8.64 18.50 -49.40
N LEU B 444 -7.82 19.51 -49.10
CA LEU B 444 -6.75 19.97 -49.99
C LEU B 444 -5.36 19.64 -49.49
N ALA B 445 -5.09 19.78 -48.20
CA ALA B 445 -3.74 19.49 -47.75
C ALA B 445 -3.76 19.02 -46.30
N PHE B 446 -2.66 18.38 -45.91
CA PHE B 446 -2.45 17.93 -44.54
C PHE B 446 -1.00 18.23 -44.18
N GLU B 447 -0.81 19.03 -43.13
CA GLU B 447 0.53 19.35 -42.61
C GLU B 447 0.60 19.04 -41.13
N VAL B 448 1.83 18.85 -40.64
CA VAL B 448 2.09 18.39 -39.28
C VAL B 448 3.23 19.21 -38.69
N GLN B 449 3.07 19.61 -37.42
CA GLN B 449 4.11 20.36 -36.72
C GLN B 449 5.27 19.45 -36.31
N GLY B 450 6.50 19.88 -36.57
CA GLY B 450 7.65 19.10 -36.24
C GLY B 450 7.99 19.19 -34.77
N PRO B 451 9.07 18.52 -34.38
CA PRO B 451 9.54 18.58 -32.99
C PRO B 451 10.30 19.88 -32.72
N GLU B 452 10.37 20.23 -31.44
CA GLU B 452 11.10 21.45 -31.06
C GLU B 452 12.54 21.42 -31.56
N SER B 453 13.18 20.26 -31.50
CA SER B 453 14.48 20.06 -32.13
C SER B 453 14.57 18.62 -32.60
N GLY B 454 15.50 18.37 -33.52
CA GLY B 454 15.71 17.04 -34.05
C GLY B 454 14.83 16.77 -35.25
N THR B 455 14.74 15.48 -35.59
CA THR B 455 13.90 15.02 -36.69
C THR B 455 13.13 13.80 -36.23
N GLN B 456 12.01 13.52 -36.91
CA GLN B 456 11.11 12.43 -36.50
C GLN B 456 10.49 11.78 -37.72
N LYS B 457 10.66 10.46 -37.87
CA LYS B 457 10.03 9.77 -38.99
C LYS B 457 8.55 9.56 -38.73
N VAL B 458 7.73 9.78 -39.76
CA VAL B 458 6.29 9.62 -39.65
C VAL B 458 5.75 9.04 -40.95
N GLU B 459 4.68 8.26 -40.83
CA GLU B 459 3.93 7.73 -41.96
C GLU B 459 2.46 8.08 -41.80
N ALA B 460 1.83 8.47 -42.89
CA ALA B 460 0.45 8.94 -42.84
C ALA B 460 -0.31 8.40 -44.06
N LYS B 461 -1.48 7.84 -43.81
CA LYS B 461 -2.37 7.37 -44.86
C LYS B 461 -3.73 8.05 -44.73
N LEU B 462 -4.26 8.53 -45.85
CA LEU B 462 -5.64 9.03 -45.91
C LEU B 462 -6.48 7.98 -46.63
N CYS B 463 -7.60 7.58 -46.01
CA CYS B 463 -8.39 6.52 -46.59
C CYS B 463 -9.87 6.78 -46.38
N LYS B 464 -10.69 5.99 -47.06
CA LYS B 464 -12.12 6.00 -46.89
C LYS B 464 -12.50 5.08 -45.74
N ARG B 465 -13.58 5.44 -45.05
CA ARG B 465 -14.07 4.60 -43.98
C ARG B 465 -14.86 3.44 -44.57
N ASN B 466 -14.76 2.27 -43.94
CA ASN B 466 -15.76 1.28 -44.27
C ASN B 466 -16.82 1.34 -43.18
N ASN B 467 -17.70 0.37 -43.15
CA ASN B 467 -18.80 0.42 -42.18
C ASN B 467 -18.51 -0.52 -41.01
N PHE B 468 -17.36 -0.28 -40.39
CA PHE B 468 -16.93 -0.97 -39.17
C PHE B 468 -17.03 -2.49 -39.32
N ALA B 469 -16.46 -3.00 -40.42
CA ALA B 469 -16.38 -4.44 -40.65
C ALA B 469 -15.06 -4.97 -40.11
N VAL B 470 -14.72 -6.20 -40.47
CA VAL B 470 -13.50 -6.93 -40.05
C VAL B 470 -12.32 -6.04 -39.69
NI NI C . 4.28 14.58 7.56
NI NI D . 9.49 7.67 30.87
CL CL E . 21.50 -15.76 24.43
NI NI F . -5.43 28.90 -37.34
NI NI G . -24.99 -14.48 -10.69
NI NI H . -26.61 -3.97 -27.25
NI NI I . -4.21 4.86 -7.74
C1 GOL J . -10.37 -3.44 7.98
O1 GOL J . -11.48 -2.75 8.41
C2 GOL J . -9.38 -2.37 7.50
O2 GOL J . -9.87 -1.11 7.78
C3 GOL J . -8.05 -2.66 8.26
O3 GOL J . -7.11 -1.74 7.80
C1 GOL K . 0.02 -1.91 -21.88
O1 GOL K . 0.01 -1.20 -23.09
C2 GOL K . -1.23 -1.50 -21.08
O2 GOL K . -2.32 -1.38 -21.89
C3 GOL K . -1.43 -2.62 -20.05
O3 GOL K . -2.46 -2.20 -19.21
C1 GOL L . -30.93 0.33 -15.23
O1 GOL L . -31.49 -0.19 -16.41
C2 GOL L . -31.86 1.47 -14.75
O2 GOL L . -33.18 1.06 -14.54
C3 GOL L . -31.21 2.00 -13.48
O3 GOL L . -32.24 2.21 -12.55
C1 GOL M . -5.17 11.83 -21.28
O1 GOL M . -4.01 12.52 -21.67
C2 GOL M . -5.51 12.30 -19.85
O2 GOL M . -5.33 13.67 -19.71
C3 GOL M . -6.99 11.86 -19.63
O3 GOL M . -7.47 12.52 -18.48
#